data_2PLH
# 
_entry.id   2PLH 
# 
_audit_conform.dict_name       mmcif_pdbx.dic 
_audit_conform.dict_version    5.398 
_audit_conform.dict_location   http://mmcif.pdb.org/dictionaries/ascii/mmcif_pdbx.dic 
# 
loop_
_database_2.database_id 
_database_2.database_code 
_database_2.pdbx_database_accession 
_database_2.pdbx_DOI 
PDB   2PLH         pdb_00002plh 10.2210/pdb2plh/pdb 
WWPDB D_1000178482 ?            ?                   
# 
loop_
_pdbx_audit_revision_history.ordinal 
_pdbx_audit_revision_history.data_content_type 
_pdbx_audit_revision_history.major_revision 
_pdbx_audit_revision_history.minor_revision 
_pdbx_audit_revision_history.revision_date 
1 'Structure model' 1 0 1996-04-03 
2 'Structure model' 1 1 2008-03-03 
3 'Structure model' 1 2 2011-07-13 
4 'Structure model' 1 3 2017-11-29 
5 'Structure model' 1 4 2024-11-13 
# 
_pdbx_audit_revision_details.ordinal             1 
_pdbx_audit_revision_details.revision_ordinal    1 
_pdbx_audit_revision_details.data_content_type   'Structure model' 
_pdbx_audit_revision_details.provider            repository 
_pdbx_audit_revision_details.type                'Initial release' 
_pdbx_audit_revision_details.description         ? 
_pdbx_audit_revision_details.details             ? 
# 
loop_
_pdbx_audit_revision_group.ordinal 
_pdbx_audit_revision_group.revision_ordinal 
_pdbx_audit_revision_group.data_content_type 
_pdbx_audit_revision_group.group 
1 2 'Structure model' 'Version format compliance' 
2 3 'Structure model' 'Non-polymer description'   
3 3 'Structure model' 'Version format compliance' 
4 4 'Structure model' 'Derived calculations'      
5 4 'Structure model' Other                       
6 5 'Structure model' 'Data collection'           
7 5 'Structure model' 'Database references'       
8 5 'Structure model' 'Derived calculations'      
9 5 'Structure model' 'Structure summary'         
# 
loop_
_pdbx_audit_revision_category.ordinal 
_pdbx_audit_revision_category.revision_ordinal 
_pdbx_audit_revision_category.data_content_type 
_pdbx_audit_revision_category.category 
1 4 'Structure model' pdbx_database_status      
2 4 'Structure model' struct_conf               
3 4 'Structure model' struct_conf_type          
4 5 'Structure model' chem_comp_atom            
5 5 'Structure model' chem_comp_bond            
6 5 'Structure model' database_2                
7 5 'Structure model' pdbx_entry_details        
8 5 'Structure model' pdbx_modification_feature 
9 5 'Structure model' struct_site               
# 
loop_
_pdbx_audit_revision_item.ordinal 
_pdbx_audit_revision_item.revision_ordinal 
_pdbx_audit_revision_item.data_content_type 
_pdbx_audit_revision_item.item 
1 4 'Structure model' '_pdbx_database_status.process_site'  
2 5 'Structure model' '_database_2.pdbx_DOI'                
3 5 'Structure model' '_database_2.pdbx_database_accession' 
4 5 'Structure model' '_struct_site.pdbx_auth_asym_id'      
5 5 'Structure model' '_struct_site.pdbx_auth_comp_id'      
6 5 'Structure model' '_struct_site.pdbx_auth_seq_id'       
# 
_pdbx_database_status.status_code                     REL 
_pdbx_database_status.entry_id                        2PLH 
_pdbx_database_status.recvd_initial_deposition_date   1993-07-09 
_pdbx_database_status.deposit_site                    ? 
_pdbx_database_status.process_site                    BNL 
_pdbx_database_status.status_code_sf                  REL 
_pdbx_database_status.status_code_mr                  ? 
_pdbx_database_status.SG_entry                        ? 
_pdbx_database_status.pdb_format_compatible           Y 
_pdbx_database_status.status_code_cs                  ? 
_pdbx_database_status.methods_development_category    ? 
_pdbx_database_status.status_code_nmr_data            ? 
# 
loop_
_audit_author.name 
_audit_author.pdbx_ordinal 
'Teeter, M.M.' 1 
'Stec, B.'     2 
'Rao, U.'      3 
# 
loop_
_citation.id 
_citation.title 
_citation.journal_abbrev 
_citation.journal_volume 
_citation.page_first 
_citation.page_last 
_citation.year 
_citation.journal_id_ASTM 
_citation.country 
_citation.journal_id_ISSN 
_citation.journal_id_CSD 
_citation.book_publisher 
_citation.pdbx_database_id_PubMed 
_citation.pdbx_database_id_DOI 
primary 
;Refinement of purothionins reveals solute particles important for lattice formation and toxicity. Part 1: alpha1-purothionin revisited.
;
'Acta Crystallogr.,Sect.D' 51 904 913 1995 ABCRE6 DK 0907-4449 0766 ? 15299760 10.1107/S0907444995002964 
1       'Crystal Structure of a Protein-Toxin Alpha1-Purothionin at 2.5 Angstroms and a Comparison with Predicted Models' Proteins 
8  118 ?   1990 PSFGEY US 0887-3585 0867 ? ?        ?                         
# 
loop_
_citation_author.citation_id 
_citation_author.name 
_citation_author.ordinal 
_citation_author.identifier_ORCID 
primary 'Rao, U.'      1 ? 
primary 'Stec, B.'     2 ? 
primary 'Teeter, M.M.' 3 ? 
1       'Teeter, M.M.' 4 ? 
1       'Ma, X.-Q.'    5 ? 
1       'Rao, U.'      6 ? 
1       'Whitlow, M.'  7 ? 
# 
loop_
_entity.id 
_entity.type 
_entity.src_method 
_entity.pdbx_description 
_entity.formula_weight 
_entity.pdbx_number_of_molecules 
_entity.pdbx_ec 
_entity.pdbx_mutation 
_entity.pdbx_fragment 
_entity.details 
1 polymer     nat ALPHA-1-PUROTHIONIN 4835.840 1   ? ? ? 'SOLUTE MOLECULES NOT ADDED TO THE' 
2 non-polymer syn 'ACETATE ION'       59.044   3   ? ? ? ?                                   
3 non-polymer syn 'PHOSPHATE ION'     94.971   1   ? ? ? ?                                   
4 non-polymer syn 2-BUTANOL           74.122   2   ? ? ? ?                                   
5 non-polymer syn GLYCEROL            92.094   2   ? ? ? ?                                   
6 water       nat water               18.015   108 ? ? ? ?                                   
# 
_entity_poly.entity_id                      1 
_entity_poly.type                           'polypeptide(L)' 
_entity_poly.nstd_linkage                   no 
_entity_poly.nstd_monomer                   no 
_entity_poly.pdbx_seq_one_letter_code       KSCCRSTLGRNCYNLCRARGAQKLCAGVCRCKISSGLSCPKGFPK 
_entity_poly.pdbx_seq_one_letter_code_can   KSCCRSTLGRNCYNLCRARGAQKLCAGVCRCKISSGLSCPKGFPK 
_entity_poly.pdbx_strand_id                 A 
_entity_poly.pdbx_target_identifier         ? 
# 
loop_
_pdbx_entity_nonpoly.entity_id 
_pdbx_entity_nonpoly.name 
_pdbx_entity_nonpoly.comp_id 
2 'ACETATE ION'   ACT 
3 'PHOSPHATE ION' PO4 
4 2-BUTANOL       SBT 
5 GLYCEROL        GOL 
6 water           HOH 
# 
loop_
_entity_poly_seq.entity_id 
_entity_poly_seq.num 
_entity_poly_seq.mon_id 
_entity_poly_seq.hetero 
1 1  LYS n 
1 2  SER n 
1 3  CYS n 
1 4  CYS n 
1 5  ARG n 
1 6  SER n 
1 7  THR n 
1 8  LEU n 
1 9  GLY n 
1 10 ARG n 
1 11 ASN n 
1 12 CYS n 
1 13 TYR n 
1 14 ASN n 
1 15 LEU n 
1 16 CYS n 
1 17 ARG n 
1 18 ALA n 
1 19 ARG n 
1 20 GLY n 
1 21 ALA n 
1 22 GLN n 
1 23 LYS n 
1 24 LEU n 
1 25 CYS n 
1 26 ALA n 
1 27 GLY n 
1 28 VAL n 
1 29 CYS n 
1 30 ARG n 
1 31 CYS n 
1 32 LYS n 
1 33 ILE n 
1 34 SER n 
1 35 SER n 
1 36 GLY n 
1 37 LEU n 
1 38 SER n 
1 39 CYS n 
1 40 PRO n 
1 41 LYS n 
1 42 GLY n 
1 43 PHE n 
1 44 PRO n 
1 45 LYS n 
# 
_entity_src_nat.entity_id                  1 
_entity_src_nat.pdbx_src_id                1 
_entity_src_nat.pdbx_alt_source_flag       sample 
_entity_src_nat.pdbx_beg_seq_num           ? 
_entity_src_nat.pdbx_end_seq_num           ? 
_entity_src_nat.common_name                'bread wheat' 
_entity_src_nat.pdbx_organism_scientific   'Triticum aestivum' 
_entity_src_nat.pdbx_ncbi_taxonomy_id      4565 
_entity_src_nat.genus                      Triticum 
_entity_src_nat.species                    ? 
_entity_src_nat.strain                     ? 
_entity_src_nat.tissue                     GRAIN 
_entity_src_nat.tissue_fraction            ? 
_entity_src_nat.pdbx_secretion             ? 
_entity_src_nat.pdbx_fragment              ? 
_entity_src_nat.pdbx_variant               ? 
_entity_src_nat.pdbx_cell_line             ? 
_entity_src_nat.pdbx_atcc                  ? 
_entity_src_nat.pdbx_cellular_location     ? 
_entity_src_nat.pdbx_organ                 ? 
_entity_src_nat.pdbx_organelle             ? 
_entity_src_nat.pdbx_cell                  ? 
_entity_src_nat.pdbx_plasmid_name          ? 
_entity_src_nat.pdbx_plasmid_details       ? 
_entity_src_nat.details                    ? 
# 
loop_
_chem_comp.id 
_chem_comp.type 
_chem_comp.mon_nstd_flag 
_chem_comp.name 
_chem_comp.pdbx_synonyms 
_chem_comp.formula 
_chem_comp.formula_weight 
ACT non-polymer         . 'ACETATE ION'   ?                               'C2 H3 O2 -1'    59.044  
ALA 'L-peptide linking' y ALANINE         ?                               'C3 H7 N O2'     89.093  
ARG 'L-peptide linking' y ARGININE        ?                               'C6 H15 N4 O2 1' 175.209 
ASN 'L-peptide linking' y ASPARAGINE      ?                               'C4 H8 N2 O3'    132.118 
CYS 'L-peptide linking' y CYSTEINE        ?                               'C3 H7 N O2 S'   121.158 
GLN 'L-peptide linking' y GLUTAMINE       ?                               'C5 H10 N2 O3'   146.144 
GLY 'peptide linking'   y GLYCINE         ?                               'C2 H5 N O2'     75.067  
GOL non-polymer         . GLYCEROL        'GLYCERIN; PROPANE-1,2,3-TRIOL' 'C3 H8 O3'       92.094  
HOH non-polymer         . WATER           ?                               'H2 O'           18.015  
ILE 'L-peptide linking' y ISOLEUCINE      ?                               'C6 H13 N O2'    131.173 
LEU 'L-peptide linking' y LEUCINE         ?                               'C6 H13 N O2'    131.173 
LYS 'L-peptide linking' y LYSINE          ?                               'C6 H15 N2 O2 1' 147.195 
PHE 'L-peptide linking' y PHENYLALANINE   ?                               'C9 H11 N O2'    165.189 
PO4 non-polymer         . 'PHOSPHATE ION' ?                               'O4 P -3'        94.971  
PRO 'L-peptide linking' y PROLINE         ?                               'C5 H9 N O2'     115.130 
SBT non-polymer         . 2-BUTANOL       ?                               'C4 H10 O'       74.122  
SER 'L-peptide linking' y SERINE          ?                               'C3 H7 N O3'     105.093 
THR 'L-peptide linking' y THREONINE       ?                               'C4 H9 N O3'     119.119 
TYR 'L-peptide linking' y TYROSINE        ?                               'C9 H11 N O3'    181.189 
VAL 'L-peptide linking' y VALINE          ?                               'C5 H11 N O2'    117.146 
# 
loop_
_pdbx_poly_seq_scheme.asym_id 
_pdbx_poly_seq_scheme.entity_id 
_pdbx_poly_seq_scheme.seq_id 
_pdbx_poly_seq_scheme.mon_id 
_pdbx_poly_seq_scheme.ndb_seq_num 
_pdbx_poly_seq_scheme.pdb_seq_num 
_pdbx_poly_seq_scheme.auth_seq_num 
_pdbx_poly_seq_scheme.pdb_mon_id 
_pdbx_poly_seq_scheme.auth_mon_id 
_pdbx_poly_seq_scheme.pdb_strand_id 
_pdbx_poly_seq_scheme.pdb_ins_code 
_pdbx_poly_seq_scheme.hetero 
A 1 1  LYS 1  1  1  LYS LYS A . n 
A 1 2  SER 2  2  2  SER SER A . n 
A 1 3  CYS 3  3  3  CYS CYS A . n 
A 1 4  CYS 4  4  4  CYS CYS A . n 
A 1 5  ARG 5  5  5  ARG ARG A . n 
A 1 6  SER 6  6  6  SER SER A . n 
A 1 7  THR 7  7  7  THR THR A . n 
A 1 8  LEU 8  8  8  LEU LEU A . n 
A 1 9  GLY 9  9  9  GLY GLY A . n 
A 1 10 ARG 10 10 10 ARG ARG A . n 
A 1 11 ASN 11 11 11 ASN ASN A . n 
A 1 12 CYS 12 12 12 CYS CYS A . n 
A 1 13 TYR 13 13 13 TYR TYR A . n 
A 1 14 ASN 14 14 14 ASN ASN A . n 
A 1 15 LEU 15 15 15 LEU LEU A . n 
A 1 16 CYS 16 16 16 CYS CYS A . n 
A 1 17 ARG 17 17 17 ARG ARG A . n 
A 1 18 ALA 18 18 18 ALA ALA A . n 
A 1 19 ARG 19 19 19 ARG ARG A . n 
A 1 20 GLY 20 20 20 GLY GLY A . n 
A 1 21 ALA 21 21 21 ALA ALA A . n 
A 1 22 GLN 22 22 22 GLN GLN A . n 
A 1 23 LYS 23 23 23 LYS LYS A . n 
A 1 24 LEU 24 24 24 LEU LEU A . n 
A 1 25 CYS 25 25 25 CYS CYS A . n 
A 1 26 ALA 26 26 26 ALA ALA A . n 
A 1 27 GLY 27 27 27 GLY GLY A . n 
A 1 28 VAL 28 28 28 VAL VAL A . n 
A 1 29 CYS 29 29 29 CYS CYS A . n 
A 1 30 ARG 30 30 30 ARG ARG A . n 
A 1 31 CYS 31 31 31 CYS CYS A . n 
A 1 32 LYS 32 32 32 LYS LYS A . n 
A 1 33 ILE 33 33 33 ILE ILE A . n 
A 1 34 SER 34 34 34 SER SER A . n 
A 1 35 SER 35 35 35 SER SER A . n 
A 1 36 GLY 36 36 36 GLY GLY A . n 
A 1 37 LEU 37 37 37 LEU LEU A . n 
A 1 38 SER 38 38 38 SER SER A . n 
A 1 39 CYS 39 39 39 CYS CYS A . n 
A 1 40 PRO 40 40 40 PRO PRO A . n 
A 1 41 LYS 41 41 41 LYS LYS A . n 
A 1 42 GLY 42 42 42 GLY GLY A . n 
A 1 43 PHE 43 43 43 PHE PHE A . n 
A 1 44 PRO 44 44 44 PRO PRO A . n 
A 1 45 LYS 45 45 45 LYS LYS A . n 
# 
loop_
_pdbx_nonpoly_scheme.asym_id 
_pdbx_nonpoly_scheme.entity_id 
_pdbx_nonpoly_scheme.mon_id 
_pdbx_nonpoly_scheme.ndb_seq_num 
_pdbx_nonpoly_scheme.pdb_seq_num 
_pdbx_nonpoly_scheme.auth_seq_num 
_pdbx_nonpoly_scheme.pdb_mon_id 
_pdbx_nonpoly_scheme.auth_mon_id 
_pdbx_nonpoly_scheme.pdb_strand_id 
_pdbx_nonpoly_scheme.pdb_ins_code 
B 2 ACT 1   85  85  ACT ACT A . 
C 2 ACT 1   88  88  ACT ACT A . 
D 3 PO4 1   116 116 PO4 PO4 A . 
E 2 ACT 1   123 123 ACT ACT A . 
F 4 SBT 1   86  86  SBT SBT A . 
G 4 SBT 1   179 179 SBT SBT A . 
H 5 GOL 1   180 180 GOL GOL A . 
I 5 GOL 1   181 181 GOL GOL A . 
J 6 HOH 1   46  46  HOH HOH A . 
J 6 HOH 2   47  47  HOH HOH A . 
J 6 HOH 3   48  48  HOH HOH A . 
J 6 HOH 4   51  51  HOH HOH A . 
J 6 HOH 5   52  52  HOH HOH A . 
J 6 HOH 6   53  53  HOH HOH A . 
J 6 HOH 7   54  54  HOH HOH A . 
J 6 HOH 8   55  55  HOH HOH A . 
J 6 HOH 9   56  56  HOH HOH A . 
J 6 HOH 10  57  57  HOH HOH A . 
J 6 HOH 11  58  58  HOH HOH A . 
J 6 HOH 12  59  59  HOH DIS A . 
J 6 HOH 13  60  60  HOH HOH A . 
J 6 HOH 14  61  61  HOH HOH A . 
J 6 HOH 15  62  62  HOH HOH A . 
J 6 HOH 16  63  63  HOH HOH A . 
J 6 HOH 17  64  64  HOH HOH A . 
J 6 HOH 18  65  65  HOH HOH A . 
J 6 HOH 19  66  66  HOH HOH A . 
J 6 HOH 20  70  70  HOH HOH A . 
J 6 HOH 21  71  71  HOH HOH A . 
J 6 HOH 22  72  72  HOH HOH A . 
J 6 HOH 23  73  73  HOH HOH A . 
J 6 HOH 24  74  74  HOH HOH A . 
J 6 HOH 25  75  75  HOH HOH A . 
J 6 HOH 26  76  76  HOH HOH A . 
J 6 HOH 27  77  77  HOH HOH A . 
J 6 HOH 28  78  78  HOH DIS A . 
J 6 HOH 29  79  79  HOH HOH A . 
J 6 HOH 30  80  80  HOH HOH A . 
J 6 HOH 31  81  81  HOH HOH A . 
J 6 HOH 32  82  82  HOH HOH A . 
J 6 HOH 33  83  83  HOH HOH A . 
J 6 HOH 34  84  84  HOH HOH A . 
J 6 HOH 35  89  89  HOH HOH A . 
J 6 HOH 36  91  91  HOH HOH A . 
J 6 HOH 37  92  92  HOH HOH A . 
J 6 HOH 38  93  93  HOH HOH A . 
J 6 HOH 39  95  95  HOH HOH A . 
J 6 HOH 40  98  98  HOH HOH A . 
J 6 HOH 41  99  99  HOH HOH A . 
J 6 HOH 42  100 100 HOH HOH A . 
J 6 HOH 43  101 101 HOH HOH A . 
J 6 HOH 44  102 102 HOH HOH A . 
J 6 HOH 45  105 105 HOH DIS A . 
J 6 HOH 46  106 106 HOH HOH A . 
J 6 HOH 47  107 107 HOH HOH A . 
J 6 HOH 48  108 108 HOH DIS A . 
J 6 HOH 49  109 109 HOH HOH A . 
J 6 HOH 50  112 112 HOH HOH A . 
J 6 HOH 51  113 113 HOH HOH A . 
J 6 HOH 52  114 114 HOH HOH A . 
J 6 HOH 53  115 115 HOH HOH A . 
J 6 HOH 54  117 117 HOH DIS A . 
J 6 HOH 55  118 118 HOH HOH A . 
J 6 HOH 56  119 119 HOH DIS A . 
J 6 HOH 57  121 121 HOH HOH A . 
J 6 HOH 58  124 124 HOH HOH A . 
J 6 HOH 59  125 125 HOH HOH A . 
J 6 HOH 60  126 126 HOH HOH A . 
J 6 HOH 61  127 127 HOH HOH A . 
J 6 HOH 62  129 129 HOH HOH A . 
J 6 HOH 63  130 130 HOH HOH A . 
J 6 HOH 64  131 131 HOH HOH A . 
J 6 HOH 65  132 132 HOH HOH A . 
J 6 HOH 66  133 133 HOH DIS A . 
J 6 HOH 67  136 136 HOH HOH A . 
J 6 HOH 68  138 138 HOH DIS A . 
J 6 HOH 69  139 139 HOH HOH A . 
J 6 HOH 70  140 140 HOH HOH A . 
J 6 HOH 71  141 141 HOH HOH A . 
J 6 HOH 72  142 142 HOH DIS A . 
J 6 HOH 73  143 143 HOH HOH A . 
J 6 HOH 74  144 144 HOH HOH A . 
J 6 HOH 75  145 145 HOH HOH A . 
J 6 HOH 76  146 146 HOH HOH A . 
J 6 HOH 77  147 147 HOH HOH A . 
J 6 HOH 78  148 148 HOH HOH A . 
J 6 HOH 79  149 149 HOH HOH A . 
J 6 HOH 80  150 150 HOH HOH A . 
J 6 HOH 81  151 151 HOH HOH A . 
J 6 HOH 82  152 152 HOH HOH A . 
J 6 HOH 83  153 153 HOH HOH A . 
J 6 HOH 84  154 154 HOH HOH A . 
J 6 HOH 85  155 155 HOH HOH A . 
J 6 HOH 86  156 156 HOH HOH A . 
J 6 HOH 87  158 158 HOH HOH A . 
J 6 HOH 88  159 159 HOH HOH A . 
J 6 HOH 89  160 160 HOH HOH A . 
J 6 HOH 90  161 161 HOH HOH A . 
J 6 HOH 91  162 162 HOH HOH A . 
J 6 HOH 92  163 163 HOH HOH A . 
J 6 HOH 93  164 164 HOH HOH A . 
J 6 HOH 94  166 166 HOH HOH A . 
J 6 HOH 95  167 167 HOH HOH A . 
J 6 HOH 96  168 168 HOH HOH A . 
J 6 HOH 97  170 170 HOH HOH A . 
J 6 HOH 98  171 171 HOH DIS A . 
J 6 HOH 99  172 172 HOH HOH A . 
J 6 HOH 100 173 173 HOH HOH A . 
J 6 HOH 101 174 174 HOH HOH A . 
J 6 HOH 102 175 175 HOH HOH A . 
J 6 HOH 103 177 177 HOH HOH A . 
J 6 HOH 104 178 178 HOH HOH A . 
J 6 HOH 105 182 182 HOH HOH A . 
J 6 HOH 106 183 183 HOH HOH A . 
J 6 HOH 107 184 184 HOH HOH A . 
J 6 HOH 108 185 185 HOH HOH A . 
# 
loop_
_software.name 
_software.classification 
_software.version 
_software.citation_id 
_software.pdbx_ordinal 
DTP    'data collection' '(MIT)' ? 1 
PROLSQ refinement        .       ? 2 
DTP    'data reduction'  .       ? 3 
# 
_cell.entry_id           2PLH 
_cell.length_a           53.590 
_cell.length_b           53.590 
_cell.length_c           69.790 
_cell.angle_alpha        90.00 
_cell.angle_beta         90.00 
_cell.angle_gamma        90.00 
_cell.Z_PDB              16 
_cell.pdbx_unique_axis   ? 
_cell.length_a_esd       ? 
_cell.length_b_esd       ? 
_cell.length_c_esd       ? 
_cell.angle_alpha_esd    ? 
_cell.angle_beta_esd     ? 
_cell.angle_gamma_esd    ? 
# 
_symmetry.entry_id                         2PLH 
_symmetry.space_group_name_H-M             'I 4 2 2' 
_symmetry.pdbx_full_space_group_name_H-M   ? 
_symmetry.cell_setting                     ? 
_symmetry.Int_Tables_number                97 
_symmetry.space_group_name_Hall            ? 
# 
_exptl.entry_id          2PLH 
_exptl.method            'X-RAY DIFFRACTION' 
_exptl.crystals_number   1 
# 
_exptl_crystal.id                    1 
_exptl_crystal.density_meas          ? 
_exptl_crystal.density_Matthews      2.59 
_exptl_crystal.density_percent_sol   52.50 
_exptl_crystal.description           'AREA DETECTOR AND DIFFRACTOMETER DATA SETS WERE MERGED' 
_exptl_crystal.F_000                 ? 
_exptl_crystal.preparation           ? 
# 
_diffrn.id                     1 
_diffrn.ambient_temp           ? 
_diffrn.ambient_temp_details   ? 
_diffrn.crystal_id             1 
# 
_diffrn_detector.diffrn_id              1 
_diffrn_detector.detector               ? 
_diffrn_detector.type                   'CRAD, P21' 
_diffrn_detector.pdbx_collection_date   1989-01-01 
_diffrn_detector.details                ? 
# 
_diffrn_radiation.diffrn_id                        1 
_diffrn_radiation.wavelength_id                    1 
_diffrn_radiation.pdbx_monochromatic_or_laue_m_l   M 
_diffrn_radiation.monochromator                    ? 
_diffrn_radiation.pdbx_diffrn_protocol             ? 
_diffrn_radiation.pdbx_scattering_type             x-ray 
# 
_diffrn_radiation_wavelength.id           1 
_diffrn_radiation_wavelength.wavelength   1.5418 
_diffrn_radiation_wavelength.wt           1.0 
# 
_diffrn_source.diffrn_id                   1 
_diffrn_source.source                      ? 
_diffrn_source.type                        ? 
_diffrn_source.pdbx_synchrotron_site       ? 
_diffrn_source.pdbx_synchrotron_beamline   ? 
_diffrn_source.pdbx_wavelength             ? 
_diffrn_source.pdbx_wavelength_list        1.5418 
# 
_reflns.entry_id                     2PLH 
_reflns.observed_criterion_sigma_I   2.0 
_reflns.observed_criterion_sigma_F   ? 
_reflns.d_resolution_low             10. 
_reflns.d_resolution_high            2.5 
_reflns.number_obs                   2106 
_reflns.number_all                   ? 
_reflns.percent_possible_obs         61.5 
_reflns.pdbx_Rmerge_I_obs            0.123 
_reflns.pdbx_Rsym_value              ? 
_reflns.pdbx_netI_over_sigmaI        ? 
_reflns.B_iso_Wilson_estimate        ? 
_reflns.pdbx_redundancy              2. 
_reflns.R_free_details               ? 
_reflns.limit_h_max                  ? 
_reflns.limit_h_min                  ? 
_reflns.limit_k_max                  ? 
_reflns.limit_k_min                  ? 
_reflns.limit_l_max                  ? 
_reflns.limit_l_min                  ? 
_reflns.observed_criterion_F_max     ? 
_reflns.observed_criterion_F_min     ? 
_reflns.pdbx_chi_squared             ? 
_reflns.pdbx_scaling_rejects         ? 
_reflns.pdbx_ordinal                 1 
_reflns.pdbx_diffrn_id               1 
# 
_refine.entry_id                                 2PLH 
_refine.ls_number_reflns_obs                     1168 
_refine.ls_number_reflns_all                     ? 
_refine.pdbx_ls_sigma_I                          ? 
_refine.pdbx_ls_sigma_F                          2.0 
_refine.pdbx_data_cutoff_high_absF               ? 
_refine.pdbx_data_cutoff_low_absF                ? 
_refine.pdbx_data_cutoff_high_rms_absF           ? 
_refine.ls_d_res_low                             10. 
_refine.ls_d_res_high                            2.5 
_refine.ls_percent_reflns_obs                    ? 
_refine.ls_R_factor_obs                          0.155 
_refine.ls_R_factor_all                          ? 
_refine.ls_R_factor_R_work                       ? 
_refine.ls_R_factor_R_free                       ? 
_refine.ls_R_factor_R_free_error                 ? 
_refine.ls_R_factor_R_free_error_details         ? 
_refine.ls_percent_reflns_R_free                 ? 
_refine.ls_number_reflns_R_free                  ? 
_refine.ls_number_parameters                     ? 
_refine.ls_number_restraints                     ? 
_refine.occupancy_min                            ? 
_refine.occupancy_max                            ? 
_refine.B_iso_mean                               ? 
_refine.aniso_B[1][1]                            ? 
_refine.aniso_B[2][2]                            ? 
_refine.aniso_B[3][3]                            ? 
_refine.aniso_B[1][2]                            ? 
_refine.aniso_B[1][3]                            ? 
_refine.aniso_B[2][3]                            ? 
_refine.solvent_model_details                    ? 
_refine.solvent_model_param_ksol                 ? 
_refine.solvent_model_param_bsol                 ? 
_refine.pdbx_ls_cross_valid_method               ? 
_refine.details                                  ? 
_refine.pdbx_starting_model                      ? 
_refine.pdbx_method_to_determine_struct          ? 
_refine.pdbx_isotropic_thermal_model             ? 
_refine.pdbx_stereochemistry_target_values       ? 
_refine.pdbx_stereochem_target_val_spec_case     ? 
_refine.pdbx_R_Free_selection_details            ? 
_refine.pdbx_overall_ESU_R                       ? 
_refine.pdbx_overall_ESU_R_Free                  ? 
_refine.overall_SU_ML                            ? 
_refine.overall_SU_B                             ? 
_refine.pdbx_refine_id                           'X-RAY DIFFRACTION' 
_refine.ls_redundancy_reflns_obs                 ? 
_refine.pdbx_overall_phase_error                 ? 
_refine.B_iso_min                                ? 
_refine.B_iso_max                                ? 
_refine.correlation_coeff_Fo_to_Fc               ? 
_refine.correlation_coeff_Fo_to_Fc_free          ? 
_refine.pdbx_solvent_vdw_probe_radii             ? 
_refine.pdbx_solvent_ion_probe_radii             ? 
_refine.pdbx_solvent_shrinkage_radii             ? 
_refine.overall_SU_R_Cruickshank_DPI             ? 
_refine.overall_SU_R_free                        ? 
_refine.ls_wR_factor_R_free                      ? 
_refine.ls_wR_factor_R_work                      ? 
_refine.overall_FOM_free_R_set                   ? 
_refine.overall_FOM_work_R_set                   ? 
_refine.pdbx_diffrn_id                           1 
_refine.pdbx_TLS_residual_ADP_flag               ? 
_refine.pdbx_overall_SU_R_free_Cruickshank_DPI   ? 
_refine.pdbx_overall_SU_R_Blow_DPI               ? 
_refine.pdbx_overall_SU_R_free_Blow_DPI          ? 
# 
_refine_hist.pdbx_refine_id                   'X-RAY DIFFRACTION' 
_refine_hist.cycle_id                         LAST 
_refine_hist.pdbx_number_atoms_protein        330 
_refine_hist.pdbx_number_atoms_nucleic_acid   0 
_refine_hist.pdbx_number_atoms_ligand         39 
_refine_hist.number_atoms_solvent             108 
_refine_hist.number_atoms_total               477 
_refine_hist.d_res_high                       2.5 
_refine_hist.d_res_low                        10. 
# 
loop_
_refine_ls_restr.type 
_refine_ls_restr.dev_ideal 
_refine_ls_restr.dev_ideal_target 
_refine_ls_restr.weight 
_refine_ls_restr.number 
_refine_ls_restr.pdbx_refine_id 
_refine_ls_restr.pdbx_restraint_function 
p_bond_d            0.012 0.020 ? ? 'X-RAY DIFFRACTION' ? 
p_angle_d           0.026 0.030 ? ? 'X-RAY DIFFRACTION' ? 
p_angle_deg         ?     ?     ? ? 'X-RAY DIFFRACTION' ? 
p_planar_d          0.028 0.040 ? ? 'X-RAY DIFFRACTION' ? 
p_hb_or_metal_coord ?     ?     ? ? 'X-RAY DIFFRACTION' ? 
p_mcbond_it         0.53  2.0   ? ? 'X-RAY DIFFRACTION' ? 
p_mcangle_it        0.86  2.5   ? ? 'X-RAY DIFFRACTION' ? 
p_scbond_it         0.603 3.0   ? ? 'X-RAY DIFFRACTION' ? 
p_scangle_it        0.911 2.0   ? ? 'X-RAY DIFFRACTION' ? 
p_plane_restr       0.005 0.015 ? ? 'X-RAY DIFFRACTION' ? 
p_chiral_restr      0.112 0.150 ? ? 'X-RAY DIFFRACTION' ? 
p_singtor_nbd       0.095 0.100 ? ? 'X-RAY DIFFRACTION' ? 
p_multtor_nbd       0.074 0.100 ? ? 'X-RAY DIFFRACTION' ? 
p_xhyhbond_nbd      0.079 0.100 ? ? 'X-RAY DIFFRACTION' ? 
p_xyhbond_nbd       ?     ?     ? ? 'X-RAY DIFFRACTION' ? 
p_planar_tor        1.0   3.0   ? ? 'X-RAY DIFFRACTION' ? 
p_staggered_tor     18.1  18.0  ? ? 'X-RAY DIFFRACTION' ? 
p_orthonormal_tor   9.5   20.0  ? ? 'X-RAY DIFFRACTION' ? 
p_transverse_tor    ?     ?     ? ? 'X-RAY DIFFRACTION' ? 
p_special_tor       ?     ?     ? ? 'X-RAY DIFFRACTION' ? 
# 
_struct.entry_id                  2PLH 
_struct.title                     'STRUCTURE OF ALPHA-1-PUROTHIONIN AT ROOM TEMPERATURE AND 2.8 ANGSTROMS RESOLUTION' 
_struct.pdbx_model_details        ? 
_struct.pdbx_CASP_flag            ? 
_struct.pdbx_model_type_details   ? 
# 
_struct_keywords.entry_id        2PLH 
_struct_keywords.pdbx_keywords   TOXIN 
_struct_keywords.text            'MEMBRANE ACTIVE, DISULFIDE RICH, TOXIN' 
# 
loop_
_struct_asym.id 
_struct_asym.pdbx_blank_PDB_chainid_flag 
_struct_asym.pdbx_modified 
_struct_asym.entity_id 
_struct_asym.details 
A N N 1 ? 
B N N 2 ? 
C N N 2 ? 
D N N 3 ? 
E N N 2 ? 
F N N 4 ? 
G N N 4 ? 
H N N 5 ? 
I N N 5 ? 
J N N 6 ? 
# 
_struct_ref.id                         1 
_struct_ref.db_name                    UNP 
_struct_ref.db_code                    THN1_WHEAT 
_struct_ref.entity_id                  1 
_struct_ref.pdbx_db_accession          P01544 
_struct_ref.pdbx_align_begin           1 
_struct_ref.pdbx_seq_one_letter_code   
;CLLILGLVLEQLQVEGKSCCRSTLGRNCYNLCRARGAQKLCAGVCRCKISSGLSCPKGFPKLALESNSDEPDTIEYCNLG
CRSSVCDYMVNAAADDEEMKLYVENCADACVSFCNGDAGLPSLDAY
;
_struct_ref.pdbx_db_isoform            ? 
# 
_struct_ref_seq.align_id                      1 
_struct_ref_seq.ref_id                        1 
_struct_ref_seq.pdbx_PDB_id_code              2PLH 
_struct_ref_seq.pdbx_strand_id                A 
_struct_ref_seq.seq_align_beg                 1 
_struct_ref_seq.pdbx_seq_align_beg_ins_code   ? 
_struct_ref_seq.seq_align_end                 45 
_struct_ref_seq.pdbx_seq_align_end_ins_code   ? 
_struct_ref_seq.pdbx_db_accession             P01544 
_struct_ref_seq.db_align_beg                  17 
_struct_ref_seq.pdbx_db_align_beg_ins_code    ? 
_struct_ref_seq.db_align_end                  61 
_struct_ref_seq.pdbx_db_align_end_ins_code    ? 
_struct_ref_seq.pdbx_auth_seq_align_beg       1 
_struct_ref_seq.pdbx_auth_seq_align_end       45 
# 
_pdbx_struct_assembly.id                   1 
_pdbx_struct_assembly.details              author_defined_assembly 
_pdbx_struct_assembly.method_details       ? 
_pdbx_struct_assembly.oligomeric_details   tetrameric 
_pdbx_struct_assembly.oligomeric_count     4 
# 
_pdbx_struct_assembly_gen.assembly_id       1 
_pdbx_struct_assembly_gen.oper_expression   1,2,3,4 
_pdbx_struct_assembly_gen.asym_id_list      A,B,C,D,E,F,G,H,I,J 
# 
loop_
_pdbx_struct_oper_list.id 
_pdbx_struct_oper_list.type 
_pdbx_struct_oper_list.name 
_pdbx_struct_oper_list.symmetry_operation 
_pdbx_struct_oper_list.matrix[1][1] 
_pdbx_struct_oper_list.matrix[1][2] 
_pdbx_struct_oper_list.matrix[1][3] 
_pdbx_struct_oper_list.vector[1] 
_pdbx_struct_oper_list.matrix[2][1] 
_pdbx_struct_oper_list.matrix[2][2] 
_pdbx_struct_oper_list.matrix[2][3] 
_pdbx_struct_oper_list.vector[2] 
_pdbx_struct_oper_list.matrix[3][1] 
_pdbx_struct_oper_list.matrix[3][2] 
_pdbx_struct_oper_list.matrix[3][3] 
_pdbx_struct_oper_list.vector[3] 
1 'identity operation'         1_555 x,y,z   1.0000000000  0.0000000000  0.0000000000  0.0000000000   0.0000000000  1.0000000000 0.0000000000  0.0000000000   0.0000000000  0.0000000000  1.0000000000  0.0000000000   
2 'crystal symmetry operation' 4_555 y,-x,z  0.1746505715  -0.7894156660 0.5884896636  -22.6970347220 0.1359296138  0.6112834568 0.7796509960  -3.1587288665  -0.9752027061 -0.0561733193 0.2140659717  -15.1634785249 
3 'crystal symmetry operation' 3_555 -y,x,z  0.1746505715  0.1359296138  -0.9752027061 -10.3940504106 -0.7894156660 0.6112834568 -0.0561733193 -16.8382990003 0.5884896636  0.7796509960  0.2140659717  19.0656612011  
4 'crystal symmetry operation' 2_555 -x,-y,z -0.6506988570 -0.6534860521 -0.3867130424 -33.0910851326 -0.6534860521 0.2225669136 0.7234776767  -19.9970278668 -0.3867130424 0.7234776767  -0.5718680566 3.9021826761 
# 
_struct_biol.id        1 
_struct_biol.details   ? 
# 
loop_
_struct_conf.conf_type_id 
_struct_conf.id 
_struct_conf.pdbx_PDB_helix_id 
_struct_conf.beg_label_comp_id 
_struct_conf.beg_label_asym_id 
_struct_conf.beg_label_seq_id 
_struct_conf.pdbx_beg_PDB_ins_code 
_struct_conf.end_label_comp_id 
_struct_conf.end_label_asym_id 
_struct_conf.end_label_seq_id 
_struct_conf.pdbx_end_PDB_ins_code 
_struct_conf.beg_auth_comp_id 
_struct_conf.beg_auth_asym_id 
_struct_conf.beg_auth_seq_id 
_struct_conf.end_auth_comp_id 
_struct_conf.end_auth_asym_id 
_struct_conf.end_auth_seq_id 
_struct_conf.pdbx_PDB_helix_class 
_struct_conf.details 
_struct_conf.pdbx_PDB_helix_length 
HELX_P HELX_P1 H1 THR A 7  ? ARG A 19 ? THR A 7  ARG A 19 1 '3/10 CONFORMATION RES 17-19' 13 
HELX_P HELX_P2 H2 GLN A 22 ? CYS A 29 ? GLN A 22 CYS A 29 1 ?                             8  
# 
_struct_conf_type.id          HELX_P 
_struct_conf_type.criteria    ? 
_struct_conf_type.reference   ? 
# 
loop_
_struct_conn.id 
_struct_conn.conn_type_id 
_struct_conn.pdbx_leaving_atom_flag 
_struct_conn.pdbx_PDB_id 
_struct_conn.ptnr1_label_asym_id 
_struct_conn.ptnr1_label_comp_id 
_struct_conn.ptnr1_label_seq_id 
_struct_conn.ptnr1_label_atom_id 
_struct_conn.pdbx_ptnr1_label_alt_id 
_struct_conn.pdbx_ptnr1_PDB_ins_code 
_struct_conn.pdbx_ptnr1_standard_comp_id 
_struct_conn.ptnr1_symmetry 
_struct_conn.ptnr2_label_asym_id 
_struct_conn.ptnr2_label_comp_id 
_struct_conn.ptnr2_label_seq_id 
_struct_conn.ptnr2_label_atom_id 
_struct_conn.pdbx_ptnr2_label_alt_id 
_struct_conn.pdbx_ptnr2_PDB_ins_code 
_struct_conn.ptnr1_auth_asym_id 
_struct_conn.ptnr1_auth_comp_id 
_struct_conn.ptnr1_auth_seq_id 
_struct_conn.ptnr2_auth_asym_id 
_struct_conn.ptnr2_auth_comp_id 
_struct_conn.ptnr2_auth_seq_id 
_struct_conn.ptnr2_symmetry 
_struct_conn.pdbx_ptnr3_label_atom_id 
_struct_conn.pdbx_ptnr3_label_seq_id 
_struct_conn.pdbx_ptnr3_label_comp_id 
_struct_conn.pdbx_ptnr3_label_asym_id 
_struct_conn.pdbx_ptnr3_label_alt_id 
_struct_conn.pdbx_ptnr3_PDB_ins_code 
_struct_conn.details 
_struct_conn.pdbx_dist_value 
_struct_conn.pdbx_value_order 
_struct_conn.pdbx_role 
disulf1 disulf ? ? A CYS 3  SG ? ? ? 1_555 A CYS 39 SG ? ? A CYS 3  A CYS 39 1_555 ? ? ? ? ? ? ? 2.021 ? ? 
disulf2 disulf ? ? A CYS 4  SG ? ? ? 1_555 A CYS 31 SG ? ? A CYS 4  A CYS 31 1_555 ? ? ? ? ? ? ? 2.044 ? ? 
disulf3 disulf ? ? A CYS 12 SG ? ? ? 1_555 A CYS 29 SG ? ? A CYS 12 A CYS 29 1_555 ? ? ? ? ? ? ? 2.040 ? ? 
disulf4 disulf ? ? A CYS 16 SG ? ? ? 1_555 A CYS 25 SG ? ? A CYS 16 A CYS 25 1_555 ? ? ? ? ? ? ? 2.000 ? ? 
# 
_struct_conn_type.id          disulf 
_struct_conn_type.criteria    ? 
_struct_conn_type.reference   ? 
# 
loop_
_pdbx_modification_feature.ordinal 
_pdbx_modification_feature.label_comp_id 
_pdbx_modification_feature.label_asym_id 
_pdbx_modification_feature.label_seq_id 
_pdbx_modification_feature.label_alt_id 
_pdbx_modification_feature.modified_residue_label_comp_id 
_pdbx_modification_feature.modified_residue_label_asym_id 
_pdbx_modification_feature.modified_residue_label_seq_id 
_pdbx_modification_feature.modified_residue_label_alt_id 
_pdbx_modification_feature.auth_comp_id 
_pdbx_modification_feature.auth_asym_id 
_pdbx_modification_feature.auth_seq_id 
_pdbx_modification_feature.PDB_ins_code 
_pdbx_modification_feature.symmetry 
_pdbx_modification_feature.modified_residue_auth_comp_id 
_pdbx_modification_feature.modified_residue_auth_asym_id 
_pdbx_modification_feature.modified_residue_auth_seq_id 
_pdbx_modification_feature.modified_residue_PDB_ins_code 
_pdbx_modification_feature.modified_residue_symmetry 
_pdbx_modification_feature.comp_id_linking_atom 
_pdbx_modification_feature.modified_residue_id_linking_atom 
_pdbx_modification_feature.modified_residue_id 
_pdbx_modification_feature.ref_pcm_id 
_pdbx_modification_feature.ref_comp_id 
_pdbx_modification_feature.type 
_pdbx_modification_feature.category 
1 CYS A 3  ? CYS A 39 ? CYS A 3  ? 1_555 CYS A 39 ? 1_555 SG SG . . . None 'Disulfide bridge' 
2 CYS A 4  ? CYS A 31 ? CYS A 4  ? 1_555 CYS A 31 ? 1_555 SG SG . . . None 'Disulfide bridge' 
3 CYS A 12 ? CYS A 29 ? CYS A 12 ? 1_555 CYS A 29 ? 1_555 SG SG . . . None 'Disulfide bridge' 
4 CYS A 16 ? CYS A 25 ? CYS A 16 ? 1_555 CYS A 25 ? 1_555 SG SG . . . None 'Disulfide bridge' 
# 
loop_
_struct_sheet.id 
_struct_sheet.type 
_struct_sheet.number_strands 
_struct_sheet.details 
S1 ? 3 ? 
S2 ? 1 ? 
# 
loop_
_struct_sheet_order.sheet_id 
_struct_sheet_order.range_id_1 
_struct_sheet_order.range_id_2 
_struct_sheet_order.offset 
_struct_sheet_order.sense 
S1 1 2 ? anti-parallel 
S1 2 3 ? anti-parallel 
# 
loop_
_struct_sheet_range.sheet_id 
_struct_sheet_range.id 
_struct_sheet_range.beg_label_comp_id 
_struct_sheet_range.beg_label_asym_id 
_struct_sheet_range.beg_label_seq_id 
_struct_sheet_range.pdbx_beg_PDB_ins_code 
_struct_sheet_range.end_label_comp_id 
_struct_sheet_range.end_label_asym_id 
_struct_sheet_range.end_label_seq_id 
_struct_sheet_range.pdbx_end_PDB_ins_code 
_struct_sheet_range.beg_auth_comp_id 
_struct_sheet_range.beg_auth_asym_id 
_struct_sheet_range.beg_auth_seq_id 
_struct_sheet_range.end_auth_comp_id 
_struct_sheet_range.end_auth_asym_id 
_struct_sheet_range.end_auth_seq_id 
S1 1 CYS A 31 ? SER A 34 ? CYS A 31 SER A 34 
S1 2 LYS A 1  ? CYS A 4  ? LYS A 1  CYS A 4  
S1 3 LYS A 45 ? LYS A 45 ? LYS A 45 LYS A 45 
S2 1 SER A 38 ? PRO A 40 ? SER A 38 PRO A 40 
# 
loop_
_struct_site.id 
_struct_site.pdbx_evidence_code 
_struct_site.pdbx_auth_asym_id 
_struct_site.pdbx_auth_comp_id 
_struct_site.pdbx_auth_seq_id 
_struct_site.pdbx_auth_ins_code 
_struct_site.pdbx_num_residues 
_struct_site.details 
PBS Author   ? ?   ?   ? 3 'PHOSPHATE BINDING SITE'             
GBS Author   ? ?   ?   ? 3 'GLYCEROL BINDING SITE'              
AC1 Software A ACT 85  ? 3 'BINDING SITE FOR RESIDUE ACT A 85'  
AC2 Software A ACT 88  ? 5 'BINDING SITE FOR RESIDUE ACT A 88'  
AC3 Software A PO4 116 ? 4 'BINDING SITE FOR RESIDUE PO4 A 116' 
AC4 Software A ACT 123 ? 6 'BINDING SITE FOR RESIDUE ACT A 123' 
AC5 Software A SBT 86  ? 7 'BINDING SITE FOR RESIDUE SBT A 86'  
AC6 Software A SBT 179 ? 6 'BINDING SITE FOR RESIDUE SBT A 179' 
AC7 Software A GOL 180 ? 8 'BINDING SITE FOR RESIDUE GOL A 180' 
AC8 Software A GOL 181 ? 6 'BINDING SITE FOR RESIDUE GOL A 181' 
# 
loop_
_struct_site_gen.id 
_struct_site_gen.site_id 
_struct_site_gen.pdbx_num_res 
_struct_site_gen.label_comp_id 
_struct_site_gen.label_asym_id 
_struct_site_gen.label_seq_id 
_struct_site_gen.pdbx_auth_ins_code 
_struct_site_gen.auth_comp_id 
_struct_site_gen.auth_asym_id 
_struct_site_gen.auth_seq_id 
_struct_site_gen.label_atom_id 
_struct_site_gen.label_alt_id 
_struct_site_gen.symmetry 
_struct_site_gen.details 
1  PBS 3 LYS A 1  ? LYS A 1   . ? 1_555  ? 
2  PBS 3 ARG A 10 ? ARG A 10  . ? 1_555  ? 
3  PBS 3 LYS A 45 ? LYS A 45  . ? 1_555  ? 
4  GBS 3 TYR A 13 ? TYR A 13  . ? 1_555  ? 
5  GBS 3 ARG A 10 ? ARG A 10  . ? 1_555  ? 
6  GBS 3 GLN A 22 ? GLN A 22  . ? 1_555  ? 
7  AC1 3 ARG A 30 ? ARG A 30  . ? 5_656  ? 
8  AC1 3 ARG A 30 ? ARG A 30  . ? 1_555  ? 
9  AC1 3 HOH J .  ? HOH A 115 . ? 1_555  ? 
10 AC2 5 ARG A 19 ? ARG A 19  . ? 3_555  ? 
11 AC2 5 SER A 34 ? SER A 34  . ? 1_555  ? 
12 AC2 5 SER A 35 ? SER A 35  . ? 1_555  ? 
13 AC2 5 GLY A 36 ? GLY A 36  . ? 1_555  ? 
14 AC2 5 HOH J .  ? HOH A 158 . ? 1_555  ? 
15 AC3 4 LYS A 1  ? LYS A 1   . ? 16_555 ? 
16 AC3 4 LYS A 1  ? LYS A 1   . ? 1_555  ? 
17 AC3 4 PRO A 44 ? PRO A 44  . ? 1_555  ? 
18 AC3 4 PRO A 44 ? PRO A 44  . ? 16_555 ? 
19 AC4 6 ASN A 11 ? ASN A 11  . ? 1_555  ? 
20 AC4 6 ASN A 11 ? ASN A 11  . ? 15_545 ? 
21 AC4 6 ASN A 11 ? ASN A 11  . ? 2_655  ? 
22 AC4 6 ASN A 11 ? ASN A 11  . ? 16_555 ? 
23 AC4 6 LEU A 15 ? LEU A 15  . ? 16_555 ? 
24 AC4 6 LEU A 15 ? LEU A 15  . ? 2_655  ? 
25 AC5 7 THR A 7  ? THR A 7   . ? 1_555  ? 
26 AC5 7 LEU A 8  ? LEU A 8   . ? 1_555  ? 
27 AC5 7 ASN A 11 ? ASN A 11  . ? 1_555  ? 
28 AC5 7 ASN A 14 ? ASN A 14  . ? 16_555 ? 
29 AC5 7 LEU A 15 ? LEU A 15  . ? 2_655  ? 
30 AC5 7 LEU A 15 ? LEU A 15  . ? 16_555 ? 
31 AC5 7 HOH J .  ? HOH A 184 . ? 16_555 ? 
32 AC6 6 SER A 6  ? SER A 6   . ? 1_555  ? 
33 AC6 6 ARG A 19 ? ARG A 19  . ? 2_655  ? 
34 AC6 6 CYS A 29 ? CYS A 29  . ? 1_555  ? 
35 AC6 6 ARG A 30 ? ARG A 30  . ? 1_555  ? 
36 AC6 6 HOH J .  ? HOH A 80  . ? 1_555  ? 
37 AC6 6 HOH J .  ? HOH A 126 . ? 1_555  ? 
38 AC7 8 LYS A 1  ? LYS A 1   . ? 1_555  ? 
39 AC7 8 SER A 2  ? SER A 2   . ? 1_555  ? 
40 AC7 8 TYR A 13 ? TYR A 13  . ? 1_555  ? 
41 AC7 8 ARG A 17 ? ARG A 17  . ? 1_555  ? 
42 AC7 8 HOH J .  ? HOH A 52  . ? 1_555  ? 
43 AC7 8 HOH J .  ? HOH A 55  . ? 1_555  ? 
44 AC7 8 GOL I .  ? GOL A 181 . ? 1_555  ? 
45 AC7 8 HOH J .  ? HOH A 183 . ? 16_555 ? 
46 AC8 6 LYS A 1  ? LYS A 1   . ? 1_555  ? 
47 AC8 6 HOH J .  ? HOH A 54  . ? 1_555  ? 
48 AC8 6 HOH J .  ? HOH A 55  . ? 1_555  ? 
49 AC8 6 HOH J .  ? HOH A 164 . ? 3_555  ? 
50 AC8 6 GOL H .  ? GOL A 180 . ? 1_555  ? 
51 AC8 6 HOH J .  ? HOH A 182 . ? 1_555  ? 
# 
_pdbx_entry_details.entry_id                   2PLH 
_pdbx_entry_details.compound_details           ? 
_pdbx_entry_details.source_details             ? 
_pdbx_entry_details.nonpolymer_details         ? 
_pdbx_entry_details.sequence_details           ? 
_pdbx_entry_details.has_ligand_of_interest     ? 
_pdbx_entry_details.has_protein_modification   Y 
# 
loop_
_pdbx_validate_rmsd_angle.id 
_pdbx_validate_rmsd_angle.PDB_model_num 
_pdbx_validate_rmsd_angle.auth_atom_id_1 
_pdbx_validate_rmsd_angle.auth_asym_id_1 
_pdbx_validate_rmsd_angle.auth_comp_id_1 
_pdbx_validate_rmsd_angle.auth_seq_id_1 
_pdbx_validate_rmsd_angle.PDB_ins_code_1 
_pdbx_validate_rmsd_angle.label_alt_id_1 
_pdbx_validate_rmsd_angle.auth_atom_id_2 
_pdbx_validate_rmsd_angle.auth_asym_id_2 
_pdbx_validate_rmsd_angle.auth_comp_id_2 
_pdbx_validate_rmsd_angle.auth_seq_id_2 
_pdbx_validate_rmsd_angle.PDB_ins_code_2 
_pdbx_validate_rmsd_angle.label_alt_id_2 
_pdbx_validate_rmsd_angle.auth_atom_id_3 
_pdbx_validate_rmsd_angle.auth_asym_id_3 
_pdbx_validate_rmsd_angle.auth_comp_id_3 
_pdbx_validate_rmsd_angle.auth_seq_id_3 
_pdbx_validate_rmsd_angle.PDB_ins_code_3 
_pdbx_validate_rmsd_angle.label_alt_id_3 
_pdbx_validate_rmsd_angle.angle_value 
_pdbx_validate_rmsd_angle.angle_target_value 
_pdbx_validate_rmsd_angle.angle_deviation 
_pdbx_validate_rmsd_angle.angle_standard_deviation 
_pdbx_validate_rmsd_angle.linker_flag 
1 1 NE A ARG 5  ? ? CZ A ARG 5  ? ? NH1 A ARG 5  ? ? 125.09 120.30 4.79  0.50 N 
2 1 NE A ARG 10 ? ? CZ A ARG 10 ? ? NH1 A ARG 10 ? ? 124.69 120.30 4.39  0.50 N 
3 1 NE A ARG 10 ? ? CZ A ARG 10 ? ? NH2 A ARG 10 ? ? 115.85 120.30 -4.45 0.50 N 
4 1 NE A ARG 17 ? ? CZ A ARG 17 ? ? NH1 A ARG 17 ? ? 124.52 120.30 4.22  0.50 N 
5 1 NE A ARG 17 ? ? CZ A ARG 17 ? ? NH2 A ARG 17 ? ? 116.00 120.30 -4.30 0.50 N 
6 1 NE A ARG 19 ? ? CZ A ARG 19 ? ? NH1 A ARG 19 ? ? 125.30 120.30 5.00  0.50 N 
7 1 NE A ARG 30 ? ? CZ A ARG 30 ? ? NH1 A ARG 30 ? ? 124.02 120.30 3.72  0.50 N 
# 
loop_
_pdbx_validate_torsion.id 
_pdbx_validate_torsion.PDB_model_num 
_pdbx_validate_torsion.auth_comp_id 
_pdbx_validate_torsion.auth_asym_id 
_pdbx_validate_torsion.auth_seq_id 
_pdbx_validate_torsion.PDB_ins_code 
_pdbx_validate_torsion.label_alt_id 
_pdbx_validate_torsion.phi 
_pdbx_validate_torsion.psi 
1 1 ARG A 30 ? ? 72.99  50.85  
2 1 PRO A 40 ? ? -47.48 163.35 
# 
loop_
_pdbx_struct_special_symmetry.id 
_pdbx_struct_special_symmetry.PDB_model_num 
_pdbx_struct_special_symmetry.auth_asym_id 
_pdbx_struct_special_symmetry.auth_comp_id 
_pdbx_struct_special_symmetry.auth_seq_id 
_pdbx_struct_special_symmetry.PDB_ins_code 
_pdbx_struct_special_symmetry.label_asym_id 
_pdbx_struct_special_symmetry.label_comp_id 
_pdbx_struct_special_symmetry.label_seq_id 
1  1 A ACT 85  ? B ACT . 
2  1 A ACT 85  ? B ACT . 
3  1 A PO4 116 ? D PO4 . 
4  1 A ACT 123 ? E ACT . 
5  1 A ACT 123 ? E ACT . 
6  1 A HOH 59  ? J HOH . 
7  1 A HOH 78  ? J HOH . 
8  1 A HOH 105 ? J HOH . 
9  1 A HOH 108 ? J HOH . 
10 1 A HOH 117 ? J HOH . 
11 1 A HOH 119 ? J HOH . 
12 1 A HOH 138 ? J HOH . 
13 1 A HOH 142 ? J HOH . 
14 1 A HOH 171 ? J HOH . 
# 
loop_
_chem_comp_atom.comp_id 
_chem_comp_atom.atom_id 
_chem_comp_atom.type_symbol 
_chem_comp_atom.pdbx_aromatic_flag 
_chem_comp_atom.pdbx_stereo_config 
_chem_comp_atom.pdbx_ordinal 
ACT C    C N N 1   
ACT O    O N N 2   
ACT OXT  O N N 3   
ACT CH3  C N N 4   
ACT H1   H N N 5   
ACT H2   H N N 6   
ACT H3   H N N 7   
ALA N    N N N 8   
ALA CA   C N S 9   
ALA C    C N N 10  
ALA O    O N N 11  
ALA CB   C N N 12  
ALA OXT  O N N 13  
ALA H    H N N 14  
ALA H2   H N N 15  
ALA HA   H N N 16  
ALA HB1  H N N 17  
ALA HB2  H N N 18  
ALA HB3  H N N 19  
ALA HXT  H N N 20  
ARG N    N N N 21  
ARG CA   C N S 22  
ARG C    C N N 23  
ARG O    O N N 24  
ARG CB   C N N 25  
ARG CG   C N N 26  
ARG CD   C N N 27  
ARG NE   N N N 28  
ARG CZ   C N N 29  
ARG NH1  N N N 30  
ARG NH2  N N N 31  
ARG OXT  O N N 32  
ARG H    H N N 33  
ARG H2   H N N 34  
ARG HA   H N N 35  
ARG HB2  H N N 36  
ARG HB3  H N N 37  
ARG HG2  H N N 38  
ARG HG3  H N N 39  
ARG HD2  H N N 40  
ARG HD3  H N N 41  
ARG HE   H N N 42  
ARG HH11 H N N 43  
ARG HH12 H N N 44  
ARG HH21 H N N 45  
ARG HH22 H N N 46  
ARG HXT  H N N 47  
ASN N    N N N 48  
ASN CA   C N S 49  
ASN C    C N N 50  
ASN O    O N N 51  
ASN CB   C N N 52  
ASN CG   C N N 53  
ASN OD1  O N N 54  
ASN ND2  N N N 55  
ASN OXT  O N N 56  
ASN H    H N N 57  
ASN H2   H N N 58  
ASN HA   H N N 59  
ASN HB2  H N N 60  
ASN HB3  H N N 61  
ASN HD21 H N N 62  
ASN HD22 H N N 63  
ASN HXT  H N N 64  
CYS N    N N N 65  
CYS CA   C N R 66  
CYS C    C N N 67  
CYS O    O N N 68  
CYS CB   C N N 69  
CYS SG   S N N 70  
CYS OXT  O N N 71  
CYS H    H N N 72  
CYS H2   H N N 73  
CYS HA   H N N 74  
CYS HB2  H N N 75  
CYS HB3  H N N 76  
CYS HG   H N N 77  
CYS HXT  H N N 78  
GLN N    N N N 79  
GLN CA   C N S 80  
GLN C    C N N 81  
GLN O    O N N 82  
GLN CB   C N N 83  
GLN CG   C N N 84  
GLN CD   C N N 85  
GLN OE1  O N N 86  
GLN NE2  N N N 87  
GLN OXT  O N N 88  
GLN H    H N N 89  
GLN H2   H N N 90  
GLN HA   H N N 91  
GLN HB2  H N N 92  
GLN HB3  H N N 93  
GLN HG2  H N N 94  
GLN HG3  H N N 95  
GLN HE21 H N N 96  
GLN HE22 H N N 97  
GLN HXT  H N N 98  
GLY N    N N N 99  
GLY CA   C N N 100 
GLY C    C N N 101 
GLY O    O N N 102 
GLY OXT  O N N 103 
GLY H    H N N 104 
GLY H2   H N N 105 
GLY HA2  H N N 106 
GLY HA3  H N N 107 
GLY HXT  H N N 108 
GOL C1   C N N 109 
GOL O1   O N N 110 
GOL C2   C N N 111 
GOL O2   O N N 112 
GOL C3   C N N 113 
GOL O3   O N N 114 
GOL H11  H N N 115 
GOL H12  H N N 116 
GOL HO1  H N N 117 
GOL H2   H N N 118 
GOL HO2  H N N 119 
GOL H31  H N N 120 
GOL H32  H N N 121 
GOL HO3  H N N 122 
HOH O    O N N 123 
HOH H1   H N N 124 
HOH H2   H N N 125 
ILE N    N N N 126 
ILE CA   C N S 127 
ILE C    C N N 128 
ILE O    O N N 129 
ILE CB   C N S 130 
ILE CG1  C N N 131 
ILE CG2  C N N 132 
ILE CD1  C N N 133 
ILE OXT  O N N 134 
ILE H    H N N 135 
ILE H2   H N N 136 
ILE HA   H N N 137 
ILE HB   H N N 138 
ILE HG12 H N N 139 
ILE HG13 H N N 140 
ILE HG21 H N N 141 
ILE HG22 H N N 142 
ILE HG23 H N N 143 
ILE HD11 H N N 144 
ILE HD12 H N N 145 
ILE HD13 H N N 146 
ILE HXT  H N N 147 
LEU N    N N N 148 
LEU CA   C N S 149 
LEU C    C N N 150 
LEU O    O N N 151 
LEU CB   C N N 152 
LEU CG   C N N 153 
LEU CD1  C N N 154 
LEU CD2  C N N 155 
LEU OXT  O N N 156 
LEU H    H N N 157 
LEU H2   H N N 158 
LEU HA   H N N 159 
LEU HB2  H N N 160 
LEU HB3  H N N 161 
LEU HG   H N N 162 
LEU HD11 H N N 163 
LEU HD12 H N N 164 
LEU HD13 H N N 165 
LEU HD21 H N N 166 
LEU HD22 H N N 167 
LEU HD23 H N N 168 
LEU HXT  H N N 169 
LYS N    N N N 170 
LYS CA   C N S 171 
LYS C    C N N 172 
LYS O    O N N 173 
LYS CB   C N N 174 
LYS CG   C N N 175 
LYS CD   C N N 176 
LYS CE   C N N 177 
LYS NZ   N N N 178 
LYS OXT  O N N 179 
LYS H    H N N 180 
LYS H2   H N N 181 
LYS HA   H N N 182 
LYS HB2  H N N 183 
LYS HB3  H N N 184 
LYS HG2  H N N 185 
LYS HG3  H N N 186 
LYS HD2  H N N 187 
LYS HD3  H N N 188 
LYS HE2  H N N 189 
LYS HE3  H N N 190 
LYS HZ1  H N N 191 
LYS HZ2  H N N 192 
LYS HZ3  H N N 193 
LYS HXT  H N N 194 
PHE N    N N N 195 
PHE CA   C N S 196 
PHE C    C N N 197 
PHE O    O N N 198 
PHE CB   C N N 199 
PHE CG   C Y N 200 
PHE CD1  C Y N 201 
PHE CD2  C Y N 202 
PHE CE1  C Y N 203 
PHE CE2  C Y N 204 
PHE CZ   C Y N 205 
PHE OXT  O N N 206 
PHE H    H N N 207 
PHE H2   H N N 208 
PHE HA   H N N 209 
PHE HB2  H N N 210 
PHE HB3  H N N 211 
PHE HD1  H N N 212 
PHE HD2  H N N 213 
PHE HE1  H N N 214 
PHE HE2  H N N 215 
PHE HZ   H N N 216 
PHE HXT  H N N 217 
PO4 P    P N N 218 
PO4 O1   O N N 219 
PO4 O2   O N N 220 
PO4 O3   O N N 221 
PO4 O4   O N N 222 
PRO N    N N N 223 
PRO CA   C N S 224 
PRO C    C N N 225 
PRO O    O N N 226 
PRO CB   C N N 227 
PRO CG   C N N 228 
PRO CD   C N N 229 
PRO OXT  O N N 230 
PRO H    H N N 231 
PRO HA   H N N 232 
PRO HB2  H N N 233 
PRO HB3  H N N 234 
PRO HG2  H N N 235 
PRO HG3  H N N 236 
PRO HD2  H N N 237 
PRO HD3  H N N 238 
PRO HXT  H N N 239 
SBT C1   C N N 240 
SBT C2   C N S 241 
SBT C3   C N N 242 
SBT C4   C N N 243 
SBT OH   O N N 244 
SBT H11  H N N 245 
SBT H12  H N N 246 
SBT H13  H N N 247 
SBT H2   H N N 248 
SBT H31  H N N 249 
SBT H32  H N N 250 
SBT H41  H N N 251 
SBT H42  H N N 252 
SBT H43  H N N 253 
SBT HO   H N N 254 
SER N    N N N 255 
SER CA   C N S 256 
SER C    C N N 257 
SER O    O N N 258 
SER CB   C N N 259 
SER OG   O N N 260 
SER OXT  O N N 261 
SER H    H N N 262 
SER H2   H N N 263 
SER HA   H N N 264 
SER HB2  H N N 265 
SER HB3  H N N 266 
SER HG   H N N 267 
SER HXT  H N N 268 
THR N    N N N 269 
THR CA   C N S 270 
THR C    C N N 271 
THR O    O N N 272 
THR CB   C N R 273 
THR OG1  O N N 274 
THR CG2  C N N 275 
THR OXT  O N N 276 
THR H    H N N 277 
THR H2   H N N 278 
THR HA   H N N 279 
THR HB   H N N 280 
THR HG1  H N N 281 
THR HG21 H N N 282 
THR HG22 H N N 283 
THR HG23 H N N 284 
THR HXT  H N N 285 
TYR N    N N N 286 
TYR CA   C N S 287 
TYR C    C N N 288 
TYR O    O N N 289 
TYR CB   C N N 290 
TYR CG   C Y N 291 
TYR CD1  C Y N 292 
TYR CD2  C Y N 293 
TYR CE1  C Y N 294 
TYR CE2  C Y N 295 
TYR CZ   C Y N 296 
TYR OH   O N N 297 
TYR OXT  O N N 298 
TYR H    H N N 299 
TYR H2   H N N 300 
TYR HA   H N N 301 
TYR HB2  H N N 302 
TYR HB3  H N N 303 
TYR HD1  H N N 304 
TYR HD2  H N N 305 
TYR HE1  H N N 306 
TYR HE2  H N N 307 
TYR HH   H N N 308 
TYR HXT  H N N 309 
VAL N    N N N 310 
VAL CA   C N S 311 
VAL C    C N N 312 
VAL O    O N N 313 
VAL CB   C N N 314 
VAL CG1  C N N 315 
VAL CG2  C N N 316 
VAL OXT  O N N 317 
VAL H    H N N 318 
VAL H2   H N N 319 
VAL HA   H N N 320 
VAL HB   H N N 321 
VAL HG11 H N N 322 
VAL HG12 H N N 323 
VAL HG13 H N N 324 
VAL HG21 H N N 325 
VAL HG22 H N N 326 
VAL HG23 H N N 327 
VAL HXT  H N N 328 
# 
loop_
_chem_comp_bond.comp_id 
_chem_comp_bond.atom_id_1 
_chem_comp_bond.atom_id_2 
_chem_comp_bond.value_order 
_chem_comp_bond.pdbx_aromatic_flag 
_chem_comp_bond.pdbx_stereo_config 
_chem_comp_bond.pdbx_ordinal 
ACT C   O    doub N N 1   
ACT C   OXT  sing N N 2   
ACT C   CH3  sing N N 3   
ACT CH3 H1   sing N N 4   
ACT CH3 H2   sing N N 5   
ACT CH3 H3   sing N N 6   
ALA N   CA   sing N N 7   
ALA N   H    sing N N 8   
ALA N   H2   sing N N 9   
ALA CA  C    sing N N 10  
ALA CA  CB   sing N N 11  
ALA CA  HA   sing N N 12  
ALA C   O    doub N N 13  
ALA C   OXT  sing N N 14  
ALA CB  HB1  sing N N 15  
ALA CB  HB2  sing N N 16  
ALA CB  HB3  sing N N 17  
ALA OXT HXT  sing N N 18  
ARG N   CA   sing N N 19  
ARG N   H    sing N N 20  
ARG N   H2   sing N N 21  
ARG CA  C    sing N N 22  
ARG CA  CB   sing N N 23  
ARG CA  HA   sing N N 24  
ARG C   O    doub N N 25  
ARG C   OXT  sing N N 26  
ARG CB  CG   sing N N 27  
ARG CB  HB2  sing N N 28  
ARG CB  HB3  sing N N 29  
ARG CG  CD   sing N N 30  
ARG CG  HG2  sing N N 31  
ARG CG  HG3  sing N N 32  
ARG CD  NE   sing N N 33  
ARG CD  HD2  sing N N 34  
ARG CD  HD3  sing N N 35  
ARG NE  CZ   sing N N 36  
ARG NE  HE   sing N N 37  
ARG CZ  NH1  sing N N 38  
ARG CZ  NH2  doub N N 39  
ARG NH1 HH11 sing N N 40  
ARG NH1 HH12 sing N N 41  
ARG NH2 HH21 sing N N 42  
ARG NH2 HH22 sing N N 43  
ARG OXT HXT  sing N N 44  
ASN N   CA   sing N N 45  
ASN N   H    sing N N 46  
ASN N   H2   sing N N 47  
ASN CA  C    sing N N 48  
ASN CA  CB   sing N N 49  
ASN CA  HA   sing N N 50  
ASN C   O    doub N N 51  
ASN C   OXT  sing N N 52  
ASN CB  CG   sing N N 53  
ASN CB  HB2  sing N N 54  
ASN CB  HB3  sing N N 55  
ASN CG  OD1  doub N N 56  
ASN CG  ND2  sing N N 57  
ASN ND2 HD21 sing N N 58  
ASN ND2 HD22 sing N N 59  
ASN OXT HXT  sing N N 60  
CYS N   CA   sing N N 61  
CYS N   H    sing N N 62  
CYS N   H2   sing N N 63  
CYS CA  C    sing N N 64  
CYS CA  CB   sing N N 65  
CYS CA  HA   sing N N 66  
CYS C   O    doub N N 67  
CYS C   OXT  sing N N 68  
CYS CB  SG   sing N N 69  
CYS CB  HB2  sing N N 70  
CYS CB  HB3  sing N N 71  
CYS SG  HG   sing N N 72  
CYS OXT HXT  sing N N 73  
GLN N   CA   sing N N 74  
GLN N   H    sing N N 75  
GLN N   H2   sing N N 76  
GLN CA  C    sing N N 77  
GLN CA  CB   sing N N 78  
GLN CA  HA   sing N N 79  
GLN C   O    doub N N 80  
GLN C   OXT  sing N N 81  
GLN CB  CG   sing N N 82  
GLN CB  HB2  sing N N 83  
GLN CB  HB3  sing N N 84  
GLN CG  CD   sing N N 85  
GLN CG  HG2  sing N N 86  
GLN CG  HG3  sing N N 87  
GLN CD  OE1  doub N N 88  
GLN CD  NE2  sing N N 89  
GLN NE2 HE21 sing N N 90  
GLN NE2 HE22 sing N N 91  
GLN OXT HXT  sing N N 92  
GLY N   CA   sing N N 93  
GLY N   H    sing N N 94  
GLY N   H2   sing N N 95  
GLY CA  C    sing N N 96  
GLY CA  HA2  sing N N 97  
GLY CA  HA3  sing N N 98  
GLY C   O    doub N N 99  
GLY C   OXT  sing N N 100 
GLY OXT HXT  sing N N 101 
GOL C1  O1   sing N N 102 
GOL C1  C2   sing N N 103 
GOL C1  H11  sing N N 104 
GOL C1  H12  sing N N 105 
GOL O1  HO1  sing N N 106 
GOL C2  O2   sing N N 107 
GOL C2  C3   sing N N 108 
GOL C2  H2   sing N N 109 
GOL O2  HO2  sing N N 110 
GOL C3  O3   sing N N 111 
GOL C3  H31  sing N N 112 
GOL C3  H32  sing N N 113 
GOL O3  HO3  sing N N 114 
HOH O   H1   sing N N 115 
HOH O   H2   sing N N 116 
ILE N   CA   sing N N 117 
ILE N   H    sing N N 118 
ILE N   H2   sing N N 119 
ILE CA  C    sing N N 120 
ILE CA  CB   sing N N 121 
ILE CA  HA   sing N N 122 
ILE C   O    doub N N 123 
ILE C   OXT  sing N N 124 
ILE CB  CG1  sing N N 125 
ILE CB  CG2  sing N N 126 
ILE CB  HB   sing N N 127 
ILE CG1 CD1  sing N N 128 
ILE CG1 HG12 sing N N 129 
ILE CG1 HG13 sing N N 130 
ILE CG2 HG21 sing N N 131 
ILE CG2 HG22 sing N N 132 
ILE CG2 HG23 sing N N 133 
ILE CD1 HD11 sing N N 134 
ILE CD1 HD12 sing N N 135 
ILE CD1 HD13 sing N N 136 
ILE OXT HXT  sing N N 137 
LEU N   CA   sing N N 138 
LEU N   H    sing N N 139 
LEU N   H2   sing N N 140 
LEU CA  C    sing N N 141 
LEU CA  CB   sing N N 142 
LEU CA  HA   sing N N 143 
LEU C   O    doub N N 144 
LEU C   OXT  sing N N 145 
LEU CB  CG   sing N N 146 
LEU CB  HB2  sing N N 147 
LEU CB  HB3  sing N N 148 
LEU CG  CD1  sing N N 149 
LEU CG  CD2  sing N N 150 
LEU CG  HG   sing N N 151 
LEU CD1 HD11 sing N N 152 
LEU CD1 HD12 sing N N 153 
LEU CD1 HD13 sing N N 154 
LEU CD2 HD21 sing N N 155 
LEU CD2 HD22 sing N N 156 
LEU CD2 HD23 sing N N 157 
LEU OXT HXT  sing N N 158 
LYS N   CA   sing N N 159 
LYS N   H    sing N N 160 
LYS N   H2   sing N N 161 
LYS CA  C    sing N N 162 
LYS CA  CB   sing N N 163 
LYS CA  HA   sing N N 164 
LYS C   O    doub N N 165 
LYS C   OXT  sing N N 166 
LYS CB  CG   sing N N 167 
LYS CB  HB2  sing N N 168 
LYS CB  HB3  sing N N 169 
LYS CG  CD   sing N N 170 
LYS CG  HG2  sing N N 171 
LYS CG  HG3  sing N N 172 
LYS CD  CE   sing N N 173 
LYS CD  HD2  sing N N 174 
LYS CD  HD3  sing N N 175 
LYS CE  NZ   sing N N 176 
LYS CE  HE2  sing N N 177 
LYS CE  HE3  sing N N 178 
LYS NZ  HZ1  sing N N 179 
LYS NZ  HZ2  sing N N 180 
LYS NZ  HZ3  sing N N 181 
LYS OXT HXT  sing N N 182 
PHE N   CA   sing N N 183 
PHE N   H    sing N N 184 
PHE N   H2   sing N N 185 
PHE CA  C    sing N N 186 
PHE CA  CB   sing N N 187 
PHE CA  HA   sing N N 188 
PHE C   O    doub N N 189 
PHE C   OXT  sing N N 190 
PHE CB  CG   sing N N 191 
PHE CB  HB2  sing N N 192 
PHE CB  HB3  sing N N 193 
PHE CG  CD1  doub Y N 194 
PHE CG  CD2  sing Y N 195 
PHE CD1 CE1  sing Y N 196 
PHE CD1 HD1  sing N N 197 
PHE CD2 CE2  doub Y N 198 
PHE CD2 HD2  sing N N 199 
PHE CE1 CZ   doub Y N 200 
PHE CE1 HE1  sing N N 201 
PHE CE2 CZ   sing Y N 202 
PHE CE2 HE2  sing N N 203 
PHE CZ  HZ   sing N N 204 
PHE OXT HXT  sing N N 205 
PO4 P   O1   doub N N 206 
PO4 P   O2   sing N N 207 
PO4 P   O3   sing N N 208 
PO4 P   O4   sing N N 209 
PRO N   CA   sing N N 210 
PRO N   CD   sing N N 211 
PRO N   H    sing N N 212 
PRO CA  C    sing N N 213 
PRO CA  CB   sing N N 214 
PRO CA  HA   sing N N 215 
PRO C   O    doub N N 216 
PRO C   OXT  sing N N 217 
PRO CB  CG   sing N N 218 
PRO CB  HB2  sing N N 219 
PRO CB  HB3  sing N N 220 
PRO CG  CD   sing N N 221 
PRO CG  HG2  sing N N 222 
PRO CG  HG3  sing N N 223 
PRO CD  HD2  sing N N 224 
PRO CD  HD3  sing N N 225 
PRO OXT HXT  sing N N 226 
SBT C1  C2   sing N N 227 
SBT C1  H11  sing N N 228 
SBT C1  H12  sing N N 229 
SBT C1  H13  sing N N 230 
SBT C2  C3   sing N N 231 
SBT C2  OH   sing N N 232 
SBT C2  H2   sing N N 233 
SBT C3  C4   sing N N 234 
SBT C3  H31  sing N N 235 
SBT C3  H32  sing N N 236 
SBT C4  H41  sing N N 237 
SBT C4  H42  sing N N 238 
SBT C4  H43  sing N N 239 
SBT OH  HO   sing N N 240 
SER N   CA   sing N N 241 
SER N   H    sing N N 242 
SER N   H2   sing N N 243 
SER CA  C    sing N N 244 
SER CA  CB   sing N N 245 
SER CA  HA   sing N N 246 
SER C   O    doub N N 247 
SER C   OXT  sing N N 248 
SER CB  OG   sing N N 249 
SER CB  HB2  sing N N 250 
SER CB  HB3  sing N N 251 
SER OG  HG   sing N N 252 
SER OXT HXT  sing N N 253 
THR N   CA   sing N N 254 
THR N   H    sing N N 255 
THR N   H2   sing N N 256 
THR CA  C    sing N N 257 
THR CA  CB   sing N N 258 
THR CA  HA   sing N N 259 
THR C   O    doub N N 260 
THR C   OXT  sing N N 261 
THR CB  OG1  sing N N 262 
THR CB  CG2  sing N N 263 
THR CB  HB   sing N N 264 
THR OG1 HG1  sing N N 265 
THR CG2 HG21 sing N N 266 
THR CG2 HG22 sing N N 267 
THR CG2 HG23 sing N N 268 
THR OXT HXT  sing N N 269 
TYR N   CA   sing N N 270 
TYR N   H    sing N N 271 
TYR N   H2   sing N N 272 
TYR CA  C    sing N N 273 
TYR CA  CB   sing N N 274 
TYR CA  HA   sing N N 275 
TYR C   O    doub N N 276 
TYR C   OXT  sing N N 277 
TYR CB  CG   sing N N 278 
TYR CB  HB2  sing N N 279 
TYR CB  HB3  sing N N 280 
TYR CG  CD1  doub Y N 281 
TYR CG  CD2  sing Y N 282 
TYR CD1 CE1  sing Y N 283 
TYR CD1 HD1  sing N N 284 
TYR CD2 CE2  doub Y N 285 
TYR CD2 HD2  sing N N 286 
TYR CE1 CZ   doub Y N 287 
TYR CE1 HE1  sing N N 288 
TYR CE2 CZ   sing Y N 289 
TYR CE2 HE2  sing N N 290 
TYR CZ  OH   sing N N 291 
TYR OH  HH   sing N N 292 
TYR OXT HXT  sing N N 293 
VAL N   CA   sing N N 294 
VAL N   H    sing N N 295 
VAL N   H2   sing N N 296 
VAL CA  C    sing N N 297 
VAL CA  CB   sing N N 298 
VAL CA  HA   sing N N 299 
VAL C   O    doub N N 300 
VAL C   OXT  sing N N 301 
VAL CB  CG1  sing N N 302 
VAL CB  CG2  sing N N 303 
VAL CB  HB   sing N N 304 
VAL CG1 HG11 sing N N 305 
VAL CG1 HG12 sing N N 306 
VAL CG1 HG13 sing N N 307 
VAL CG2 HG21 sing N N 308 
VAL CG2 HG22 sing N N 309 
VAL CG2 HG23 sing N N 310 
VAL OXT HXT  sing N N 311 
# 
_atom_sites.entry_id                    2PLH 
_atom_sites.fract_transf_matrix[1][1]   0.01264188 
_atom_sites.fract_transf_matrix[1][2]   0.01133618 
_atom_sites.fract_transf_matrix[1][3]   -0.00773754 
_atom_sites.fract_transf_matrix[2][1]   0.01129451 
_atom_sites.fract_transf_matrix[2][2]   -0.00261544 
_atom_sites.fract_transf_matrix[2][3]   0.01462153 
_atom_sites.fract_transf_matrix[3][1]   0.00598826 
_atom_sites.fract_transf_matrix[3][2]   -0.01120307 
_atom_sites.fract_transf_matrix[3][3]   -0.00662964 
_atom_sites.fract_transf_vector[1]      0.337608 
_atom_sites.fract_transf_vector[2]      0.132195 
_atom_sites.fract_transf_vector[3]      0.370048 
# 
loop_
_atom_type.symbol 
C 
N 
O 
P 
S 
# 
loop_
_atom_site.group_PDB 
_atom_site.id 
_atom_site.type_symbol 
_atom_site.label_atom_id 
_atom_site.label_alt_id 
_atom_site.label_comp_id 
_atom_site.label_asym_id 
_atom_site.label_entity_id 
_atom_site.label_seq_id 
_atom_site.pdbx_PDB_ins_code 
_atom_site.Cartn_x 
_atom_site.Cartn_y 
_atom_site.Cartn_z 
_atom_site.occupancy 
_atom_site.B_iso_or_equiv 
_atom_site.pdbx_formal_charge 
_atom_site.auth_seq_id 
_atom_site.auth_comp_id 
_atom_site.auth_asym_id 
_atom_site.auth_atom_id 
_atom_site.pdbx_PDB_model_num 
ATOM   1   N N   . LYS A 1 1  ? -5.128  -5.138  4.706   1.00 16.37 ? 1   LYS A N   1 
ATOM   2   C CA  . LYS A 1 1  ? -4.756  -3.745  4.994   1.00 15.83 ? 1   LYS A CA  1 
ATOM   3   C C   . LYS A 1 1  ? -3.492  -3.393  4.231   1.00 16.19 ? 1   LYS A C   1 
ATOM   4   O O   . LYS A 1 1  ? -2.513  -4.167  4.215   1.00 16.55 ? 1   LYS A O   1 
ATOM   5   C CB  . LYS A 1 1  ? -4.564  -3.541  6.489   1.00 16.10 ? 1   LYS A CB  1 
ATOM   6   C CG  . LYS A 1 1  ? -5.292  -2.303  7.018   1.00 15.79 ? 1   LYS A CG  1 
ATOM   7   C CD  . LYS A 1 1  ? -4.424  -1.573  8.026   1.00 16.08 ? 1   LYS A CD  1 
ATOM   8   C CE  . LYS A 1 1  ? -4.835  -0.113  8.154   1.00 16.61 ? 1   LYS A CE  1 
ATOM   9   N NZ  . LYS A 1 1  ? -3.619  0.751   8.111   1.00 17.14 ? 1   LYS A NZ  1 
ATOM   10  N N   . SER A 1 2  ? -3.537  -2.232  3.602   1.00 16.60 ? 2   SER A N   1 
ATOM   11  C CA  . SER A 1 2  ? -2.457  -1.681  2.783   1.00 16.79 ? 2   SER A CA  1 
ATOM   12  C C   . SER A 1 2  ? -1.487  -0.847  3.618   1.00 16.58 ? 2   SER A C   1 
ATOM   13  O O   . SER A 1 2  ? -1.853  0.169   4.192   1.00 17.19 ? 2   SER A O   1 
ATOM   14  C CB  . SER A 1 2  ? -2.991  -0.916  1.584   1.00 16.80 ? 2   SER A CB  1 
ATOM   15  O OG  . SER A 1 2  ? -3.564  0.325   1.923   1.00 16.80 ? 2   SER A OG  1 
ATOM   16  N N   . CYS A 1 3  ? -0.265  -1.307  3.662   1.00 16.33 ? 3   CYS A N   1 
ATOM   17  C CA  . CYS A 1 3  ? 0.843   -0.702  4.386   1.00 16.39 ? 3   CYS A CA  1 
ATOM   18  C C   . CYS A 1 3  ? 1.907   -0.318  3.349   1.00 15.94 ? 3   CYS A C   1 
ATOM   19  O O   . CYS A 1 3  ? 2.329   -1.071  2.468   1.00 15.00 ? 3   CYS A O   1 
ATOM   20  C CB  . CYS A 1 3  ? 1.314   -1.599  5.517   1.00 16.89 ? 3   CYS A CB  1 
ATOM   21  S SG  . CYS A 1 3  ? 0.051   -2.356  6.576   1.00 18.20 ? 3   CYS A SG  1 
ATOM   22  N N   . CYS A 1 4  ? 2.353   0.920   3.455   1.00 15.44 ? 4   CYS A N   1 
ATOM   23  C CA  . CYS A 1 4  ? 3.334   1.557   2.605   1.00 14.36 ? 4   CYS A CA  1 
ATOM   24  C C   . CYS A 1 4  ? 4.567   2.106   3.309   1.00 14.23 ? 4   CYS A C   1 
ATOM   25  O O   . CYS A 1 4  ? 4.686   2.568   4.445   1.00 13.61 ? 4   CYS A O   1 
ATOM   26  C CB  . CYS A 1 4  ? 2.625   2.642   1.789   1.00 14.77 ? 4   CYS A CB  1 
ATOM   27  S SG  . CYS A 1 4  ? 1.130   2.066   0.946   1.00 14.76 ? 4   CYS A SG  1 
ATOM   28  N N   . ARG A 1 5  ? 5.616   2.057   2.498   1.00 14.30 ? 5   ARG A N   1 
ATOM   29  C CA  . ARG A 1 5  ? 6.970   2.477   2.777   1.00 14.33 ? 5   ARG A CA  1 
ATOM   30  C C   . ARG A 1 5  ? 7.079   3.964   3.039   1.00 13.78 ? 5   ARG A C   1 
ATOM   31  O O   . ARG A 1 5  ? 7.854   4.369   3.933   1.00 14.44 ? 5   ARG A O   1 
ATOM   32  C CB  . ARG A 1 5  ? 7.883   2.064   1.583   1.00 14.70 ? 5   ARG A CB  1 
ATOM   33  C CG  . ARG A 1 5  ? 8.498   0.695   1.779   1.00 15.35 ? 5   ARG A CG  1 
ATOM   34  C CD  . ARG A 1 5  ? 9.254   0.203   0.618   1.00 16.10 ? 5   ARG A CD  1 
ATOM   35  N NE  . ARG A 1 5  ? 10.020  -1.001  0.893   1.00 17.04 ? 5   ARG A NE  1 
ATOM   36  C CZ  . ARG A 1 5  ? 9.772   -2.260  0.568   1.00 16.95 ? 5   ARG A CZ  1 
ATOM   37  N NH1 . ARG A 1 5  ? 8.713   -2.677  -0.111  1.00 17.44 ? 5   ARG A NH1 1 
ATOM   38  N NH2 . ARG A 1 5  ? 10.634  -3.226  0.938   1.00 17.27 ? 5   ARG A NH2 1 
ATOM   39  N N   . SER A 1 6  ? 6.344   4.755   2.286   1.00 12.78 ? 6   SER A N   1 
ATOM   40  C CA  . SER A 1 6  ? 6.388   6.224   2.413   1.00 12.34 ? 6   SER A CA  1 
ATOM   41  C C   . SER A 1 6  ? 5.049   6.851   2.098   1.00 12.17 ? 6   SER A C   1 
ATOM   42  O O   . SER A 1 6  ? 4.126   6.162   1.650   1.00 12.20 ? 6   SER A O   1 
ATOM   43  C CB  . SER A 1 6  ? 7.448   6.735   1.409   1.00 11.82 ? 6   SER A CB  1 
ATOM   44  O OG  . SER A 1 6  ? 7.117   6.259   0.114   1.00 11.55 ? 6   SER A OG  1 
ATOM   45  N N   . THR A 1 7  ? 4.967   8.146   2.330   1.00 12.48 ? 7   THR A N   1 
ATOM   46  C CA  . THR A 1 7  ? 3.720   8.901   2.046   1.00 12.84 ? 7   THR A CA  1 
ATOM   47  C C   . THR A 1 7  ? 3.527   8.913   0.532   1.00 13.01 ? 7   THR A C   1 
ATOM   48  O O   . THR A 1 7  ? 2.389   8.887   0.035   1.00 12.63 ? 7   THR A O   1 
ATOM   49  C CB  . THR A 1 7  ? 3.740   10.335  2.679   1.00 13.26 ? 7   THR A CB  1 
ATOM   50  O OG1 . THR A 1 7  ? 4.732   11.126  1.940   1.00 13.04 ? 7   THR A OG1 1 
ATOM   51  C CG2 . THR A 1 7  ? 4.012   10.349  4.205   1.00 13.01 ? 7   THR A CG2 1 
ATOM   52  N N   . LEU A 1 8  ? 4.664   8.964   -0.166  1.00 13.30 ? 8   LEU A N   1 
ATOM   53  C CA  . LEU A 1 8  ? 4.640   8.945   -1.632  1.00 13.69 ? 8   LEU A CA  1 
ATOM   54  C C   . LEU A 1 8  ? 4.025   7.593   -2.011  1.00 13.90 ? 8   LEU A C   1 
ATOM   55  O O   . LEU A 1 8  ? 3.246   7.587   -2.969  1.00 14.61 ? 8   LEU A O   1 
ATOM   56  C CB  . LEU A 1 8  ? 5.995   9.220   -2.232  1.00 13.85 ? 8   LEU A CB  1 
ATOM   57  C CG  . LEU A 1 8  ? 6.206   10.063  -3.469  1.00 13.95 ? 8   LEU A CG  1 
ATOM   58  C CD1 . LEU A 1 8  ? 5.721   11.511  -3.329  1.00 14.49 ? 8   LEU A CD1 1 
ATOM   59  C CD2 . LEU A 1 8  ? 7.718   10.194  -3.723  1.00 13.71 ? 8   LEU A CD2 1 
ATOM   60  N N   . GLY A 1 9  ? 4.370   6.553   -1.282  1.00 13.85 ? 9   GLY A N   1 
ATOM   61  C CA  . GLY A 1 9  ? 3.842   5.213   -1.548  1.00 14.46 ? 9   GLY A CA  1 
ATOM   62  C C   . GLY A 1 9  ? 2.342   5.125   -1.304  1.00 14.87 ? 9   GLY A C   1 
ATOM   63  O O   . GLY A 1 9  ? 1.597   4.290   -1.872  1.00 15.40 ? 9   GLY A O   1 
ATOM   64  N N   . ARG A 1 10 ? 1.863   6.004   -0.443  1.00 15.04 ? 10  ARG A N   1 
ATOM   65  C CA  . ARG A 1 10 ? 0.450   6.060   -0.090  1.00 14.94 ? 10  ARG A CA  1 
ATOM   66  C C   . ARG A 1 10 ? -0.378  6.708   -1.189  1.00 14.83 ? 10  ARG A C   1 
ATOM   67  O O   . ARG A 1 10 ? -1.426  6.183   -1.609  1.00 15.28 ? 10  ARG A O   1 
ATOM   68  C CB  . ARG A 1 10 ? 0.212   6.699   1.265   1.00 14.75 ? 10  ARG A CB  1 
ATOM   69  C CG  . ARG A 1 10 ? -1.212  6.999   1.644   1.00 15.22 ? 10  ARG A CG  1 
ATOM   70  C CD  . ARG A 1 10 ? -2.153  5.884   1.832   1.00 15.44 ? 10  ARG A CD  1 
ATOM   71  N NE  . ARG A 1 10 ? -1.642  4.814   2.640   1.00 16.18 ? 10  ARG A NE  1 
ATOM   72  C CZ  . ARG A 1 10 ? -2.057  3.563   2.770   1.00 16.14 ? 10  ARG A CZ  1 
ATOM   73  N NH1 . ARG A 1 10 ? -3.079  3.037   2.112   1.00 15.72 ? 10  ARG A NH1 1 
ATOM   74  N NH2 . ARG A 1 10 ? -1.378  2.808   3.650   1.00 16.40 ? 10  ARG A NH2 1 
ATOM   75  N N   . ASN A 1 11 ? 0.096   7.844   -1.633  1.00 15.12 ? 11  ASN A N   1 
ATOM   76  C CA  . ASN A 1 11 ? -0.546  8.646   -2.697  1.00 15.13 ? 11  ASN A CA  1 
ATOM   77  C C   . ASN A 1 11 ? -0.676  7.728   -3.905  1.00 15.95 ? 11  ASN A C   1 
ATOM   78  O O   . ASN A 1 11 ? -1.783  7.403   -4.367  1.00 16.27 ? 11  ASN A O   1 
ATOM   79  C CB  . ASN A 1 11 ? 0.244   9.931   -2.895  1.00 14.77 ? 11  ASN A CB  1 
ATOM   80  C CG  . ASN A 1 11 ? -0.059  11.029  -1.888  1.00 14.42 ? 11  ASN A CG  1 
ATOM   81  O OD1 . ASN A 1 11 ? -0.467  10.785  -0.744  1.00 13.95 ? 11  ASN A OD1 1 
ATOM   82  N ND2 . ASN A 1 11 ? 0.136   12.291  -2.279  1.00 13.60 ? 11  ASN A ND2 1 
ATOM   83  N N   . CYS A 1 12 ? 0.504   7.331   -4.351  1.00 16.55 ? 12  CYS A N   1 
ATOM   84  C CA  . CYS A 1 12 ? 0.638   6.425   -5.498  1.00 17.17 ? 12  CYS A CA  1 
ATOM   85  C C   . CYS A 1 12 ? -0.350  5.270   -5.354  1.00 17.25 ? 12  CYS A C   1 
ATOM   86  O O   . CYS A 1 12 ? -0.913  4.828   -6.388  1.00 18.15 ? 12  CYS A O   1 
ATOM   87  C CB  . CYS A 1 12 ? 2.076   5.916   -5.609  1.00 17.28 ? 12  CYS A CB  1 
ATOM   88  S SG  . CYS A 1 12 ? 2.394   4.523   -6.694  1.00 17.98 ? 12  CYS A SG  1 
ATOM   89  N N   . TYR A 1 13 ? -0.508  4.812   -4.115  1.00 16.66 ? 13  TYR A N   1 
ATOM   90  C CA  . TYR A 1 13 ? -1.398  3.682   -3.877  1.00 16.84 ? 13  TYR A CA  1 
ATOM   91  C C   . TYR A 1 13 ? -2.878  4.016   -3.888  1.00 16.98 ? 13  TYR A C   1 
ATOM   92  O O   . TYR A 1 13 ? -3.704  3.244   -4.410  1.00 17.20 ? 13  TYR A O   1 
ATOM   93  C CB  . TYR A 1 13 ? -1.021  2.920   -2.586  1.00 16.27 ? 13  TYR A CB  1 
ATOM   94  C CG  . TYR A 1 13 ? -1.941  1.732   -2.367  1.00 16.03 ? 13  TYR A CG  1 
ATOM   95  C CD1 . TYR A 1 13 ? -3.192  1.851   -1.769  1.00 15.74 ? 13  TYR A CD1 1 
ATOM   96  C CD2 . TYR A 1 13 ? -1.531  0.464   -2.789  1.00 16.28 ? 13  TYR A CD2 1 
ATOM   97  C CE1 . TYR A 1 13 ? -4.016  0.738   -1.585  1.00 15.73 ? 13  TYR A CE1 1 
ATOM   98  C CE2 . TYR A 1 13 ? -2.343  -0.654  -2.616  1.00 15.93 ? 13  TYR A CE2 1 
ATOM   99  C CZ  . TYR A 1 13 ? -3.587  -0.517  -2.008  1.00 15.77 ? 13  TYR A CZ  1 
ATOM   100 O OH  . TYR A 1 13 ? -4.339  -1.650  -1.856  1.00 15.33 ? 13  TYR A OH  1 
ATOM   101 N N   . ASN A 1 14 ? -3.239  5.125   -3.296  1.00 17.42 ? 14  ASN A N   1 
ATOM   102 C CA  . ASN A 1 14 ? -4.648  5.552   -3.210  1.00 17.53 ? 14  ASN A CA  1 
ATOM   103 C C   . ASN A 1 14 ? -5.219  5.959   -4.556  1.00 17.63 ? 14  ASN A C   1 
ATOM   104 O O   . ASN A 1 14 ? -6.432  5.876   -4.756  1.00 17.52 ? 14  ASN A O   1 
ATOM   105 C CB  . ASN A 1 14 ? -4.749  6.669   -2.176  1.00 16.96 ? 14  ASN A CB  1 
ATOM   106 C CG  . ASN A 1 14 ? -4.882  6.245   -0.745  1.00 16.46 ? 14  ASN A CG  1 
ATOM   107 O OD1 . ASN A 1 14 ? -4.963  5.072   -0.371  1.00 16.27 ? 14  ASN A OD1 1 
ATOM   108 N ND2 . ASN A 1 14 ? -4.919  7.270   0.126   1.00 16.43 ? 14  ASN A ND2 1 
ATOM   109 N N   . LEU A 1 15 ? -4.334  6.403   -5.399  1.00 18.70 ? 15  LEU A N   1 
ATOM   110 C CA  . LEU A 1 15 ? -4.545  6.915   -6.764  1.00 18.77 ? 15  LEU A CA  1 
ATOM   111 C C   . LEU A 1 15 ? -4.492  5.829   -7.804  1.00 19.06 ? 15  LEU A C   1 
ATOM   112 O O   . LEU A 1 15 ? -5.051  6.011   -8.900  1.00 19.22 ? 15  LEU A O   1 
ATOM   113 C CB  . LEU A 1 15 ? -3.552  8.059   -6.849  1.00 18.64 ? 15  LEU A CB  1 
ATOM   114 C CG  . LEU A 1 15 ? -3.240  8.862   -8.066  1.00 19.50 ? 15  LEU A CG  1 
ATOM   115 C CD1 . LEU A 1 15 ? -4.173  10.054  -8.244  1.00 18.55 ? 15  LEU A CD1 1 
ATOM   116 C CD2 . LEU A 1 15 ? -1.772  9.337   -7.975  1.00 18.40 ? 15  LEU A CD2 1 
ATOM   117 N N   . CYS A 1 16 ? -3.846  4.710   -7.497  1.00 19.97 ? 16  CYS A N   1 
ATOM   118 C CA  . CYS A 1 16 ? -3.740  3.556   -8.409  1.00 20.28 ? 16  CYS A CA  1 
ATOM   119 C C   . CYS A 1 16 ? -5.028  2.721   -8.310  1.00 20.94 ? 16  CYS A C   1 
ATOM   120 O O   . CYS A 1 16 ? -5.515  2.212   -9.329  1.00 21.25 ? 16  CYS A O   1 
ATOM   121 C CB  . CYS A 1 16 ? -2.517  2.690   -8.210  1.00 20.05 ? 16  CYS A CB  1 
ATOM   122 S SG  . CYS A 1 16 ? -2.646  0.996   -8.931  1.00 19.18 ? 16  CYS A SG  1 
ATOM   123 N N   . ARG A 1 17 ? -5.539  2.611   -7.103  1.00 21.49 ? 17  ARG A N   1 
ATOM   124 C CA  . ARG A 1 17 ? -6.733  1.901   -6.712  1.00 21.78 ? 17  ARG A CA  1 
ATOM   125 C C   . ARG A 1 17 ? -8.015  2.362   -7.406  1.00 22.56 ? 17  ARG A C   1 
ATOM   126 O O   . ARG A 1 17 ? -9.080  1.699   -7.297  1.00 22.67 ? 17  ARG A O   1 
ATOM   127 C CB  . ARG A 1 17 ? -6.954  1.953   -5.193  1.00 21.04 ? 17  ARG A CB  1 
ATOM   128 C CG  . ARG A 1 17 ? -6.143  1.042   -4.331  1.00 20.43 ? 17  ARG A CG  1 
ATOM   129 C CD  . ARG A 1 17 ? -6.436  -0.396  -4.419  1.00 20.10 ? 17  ARG A CD  1 
ATOM   130 N NE  . ARG A 1 17 ? -7.806  -0.744  -4.141  1.00 19.85 ? 17  ARG A NE  1 
ATOM   131 C CZ  . ARG A 1 17 ? -8.633  -1.501  -4.844  1.00 19.56 ? 17  ARG A CZ  1 
ATOM   132 N NH1 . ARG A 1 17 ? -8.331  -2.067  -6.004  1.00 19.13 ? 17  ARG A NH1 1 
ATOM   133 N NH2 . ARG A 1 17 ? -9.845  -1.699  -4.310  1.00 19.38 ? 17  ARG A NH2 1 
ATOM   134 N N   . ALA A 1 18 ? -7.922  3.487   -8.086  1.00 23.38 ? 18  ALA A N   1 
ATOM   135 C CA  . ALA A 1 18 ? -9.081  4.032   -8.825  1.00 24.33 ? 18  ALA A CA  1 
ATOM   136 C C   . ALA A 1 18 ? -9.298  3.077   -10.005 1.00 25.12 ? 18  ALA A C   1 
ATOM   137 O O   . ALA A 1 18 ? -10.380 2.548   -10.265 1.00 25.71 ? 18  ALA A O   1 
ATOM   138 C CB  . ALA A 1 18 ? -8.811  5.453   -9.255  1.00 23.23 ? 18  ALA A CB  1 
ATOM   139 N N   . ARG A 1 19 ? -8.211  2.825   -10.705 1.00 26.50 ? 19  ARG A N   1 
ATOM   140 C CA  . ARG A 1 19 ? -8.083  2.000   -11.884 1.00 26.96 ? 19  ARG A CA  1 
ATOM   141 C C   . ARG A 1 19 ? -7.596  0.577   -11.694 1.00 26.80 ? 19  ARG A C   1 
ATOM   142 O O   . ARG A 1 19 ? -8.071  -0.308  -12.441 1.00 27.23 ? 19  ARG A O   1 
ATOM   143 C CB  . ARG A 1 19 ? -7.077  2.624   -12.890 1.00 27.88 ? 19  ARG A CB  1 
ATOM   144 C CG  . ARG A 1 19 ? -7.226  4.097   -13.180 1.00 29.13 ? 19  ARG A CG  1 
ATOM   145 C CD  . ARG A 1 19 ? -8.406  4.576   -13.902 1.00 29.62 ? 19  ARG A CD  1 
ATOM   146 N NE  . ARG A 1 19 ? -9.621  3.808   -13.744 1.00 30.78 ? 19  ARG A NE  1 
ATOM   147 C CZ  . ARG A 1 19 ? -10.548 3.575   -14.654 1.00 31.30 ? 19  ARG A CZ  1 
ATOM   148 N NH1 . ARG A 1 19 ? -10.539 4.048   -15.903 1.00 32.04 ? 19  ARG A NH1 1 
ATOM   149 N NH2 . ARG A 1 19 ? -11.591 2.796   -14.304 1.00 32.57 ? 19  ARG A NH2 1 
ATOM   150 N N   . GLY A 1 20 ? -6.673  0.356   -10.783 1.00 26.10 ? 20  GLY A N   1 
ATOM   151 C CA  . GLY A 1 20 ? -6.092  -0.958  -10.548 1.00 25.08 ? 20  GLY A CA  1 
ATOM   152 C C   . GLY A 1 20 ? -6.519  -1.678  -9.303  1.00 24.52 ? 20  GLY A C   1 
ATOM   153 O O   . GLY A 1 20 ? -7.067  -1.114  -8.349  1.00 24.75 ? 20  GLY A O   1 
ATOM   154 N N   . ALA A 1 21 ? -6.240  -2.970  -9.346  1.00 24.16 ? 21  ALA A N   1 
ATOM   155 C CA  . ALA A 1 21 ? -6.527  -3.943  -8.294  1.00 23.76 ? 21  ALA A CA  1 
ATOM   156 C C   . ALA A 1 21 ? -5.582  -3.688  -7.127  1.00 23.87 ? 21  ALA A C   1 
ATOM   157 O O   . ALA A 1 21 ? -4.669  -2.855  -7.197  1.00 24.59 ? 21  ALA A O   1 
ATOM   158 C CB  . ALA A 1 21 ? -6.377  -5.377  -8.808  1.00 23.59 ? 21  ALA A CB  1 
ATOM   159 N N   . GLN A 1 22 ? -5.800  -4.405  -6.061  1.00 23.78 ? 22  GLN A N   1 
ATOM   160 C CA  . GLN A 1 22 ? -5.056  -4.362  -4.822  1.00 23.38 ? 22  GLN A CA  1 
ATOM   161 C C   . GLN A 1 22 ? -3.597  -4.769  -4.989  1.00 22.89 ? 22  GLN A C   1 
ATOM   162 O O   . GLN A 1 22 ? -2.708  -3.976  -4.634  1.00 22.80 ? 22  GLN A O   1 
ATOM   163 C CB  . GLN A 1 22 ? -5.749  -5.271  -3.792  1.00 24.04 ? 22  GLN A CB  1 
ATOM   164 C CG  . GLN A 1 22 ? -6.832  -4.606  -3.028  1.00 24.64 ? 22  GLN A CG  1 
ATOM   165 C CD  . GLN A 1 22 ? -7.321  -5.141  -1.740  1.00 24.91 ? 22  GLN A CD  1 
ATOM   166 O OE1 . GLN A 1 22 ? -8.263  -4.565  -1.137  1.00 25.32 ? 22  GLN A OE1 1 
ATOM   167 N NE2 . GLN A 1 22 ? -6.757  -6.223  -1.204  1.00 25.36 ? 22  GLN A NE2 1 
ATOM   168 N N   . LYS A 1 23 ? -3.391  -5.969  -5.508  1.00 21.95 ? 23  LYS A N   1 
ATOM   169 C CA  . LYS A 1 23 ? -2.064  -6.535  -5.715  1.00 20.93 ? 23  LYS A CA  1 
ATOM   170 C C   . LYS A 1 23 ? -1.257  -5.825  -6.780  1.00 20.06 ? 23  LYS A C   1 
ATOM   171 O O   . LYS A 1 23 ? -0.032  -5.743  -6.601  1.00 19.67 ? 23  LYS A O   1 
ATOM   172 C CB  . LYS A 1 23 ? -2.074  -8.023  -5.993  1.00 21.51 ? 23  LYS A CB  1 
ATOM   173 C CG  . LYS A 1 23 ? -2.330  -8.926  -4.787  1.00 21.45 ? 23  LYS A CG  1 
ATOM   174 C CD  . LYS A 1 23 ? -2.346  -10.382 -5.256  1.00 22.05 ? 23  LYS A CD  1 
ATOM   175 C CE  . LYS A 1 23 ? -2.938  -11.321 -4.217  1.00 21.68 ? 23  LYS A CE  1 
ATOM   176 N NZ  . LYS A 1 23 ? -3.381  -12.555 -4.942  1.00 22.29 ? 23  LYS A NZ  1 
ATOM   177 N N   . LEU A 1 24 ? -1.891  -5.347  -7.832  1.00 19.24 ? 24  LEU A N   1 
ATOM   178 C CA  . LEU A 1 24 ? -1.111  -4.649  -8.869  1.00 18.85 ? 24  LEU A CA  1 
ATOM   179 C C   . LEU A 1 24 ? -0.501  -3.384  -8.257  1.00 18.66 ? 24  LEU A C   1 
ATOM   180 O O   . LEU A 1 24 ? 0.687   -3.138  -8.442  1.00 18.92 ? 24  LEU A O   1 
ATOM   181 C CB  . LEU A 1 24 ? -1.939  -4.321  -10.106 1.00 18.36 ? 24  LEU A CB  1 
ATOM   182 C CG  . LEU A 1 24 ? -1.573  -2.968  -10.713 1.00 18.49 ? 24  LEU A CG  1 
ATOM   183 C CD1 . LEU A 1 24 ? -0.394  -3.079  -11.680 1.00 18.87 ? 24  LEU A CD1 1 
ATOM   184 C CD2 . LEU A 1 24 ? -2.766  -2.387  -11.435 1.00 18.40 ? 24  LEU A CD2 1 
ATOM   185 N N   . CYS A 1 25 ? -1.355  -2.646  -7.570  1.00 18.63 ? 25  CYS A N   1 
ATOM   186 C CA  . CYS A 1 25 ? -1.032  -1.388  -6.903  1.00 17.77 ? 25  CYS A CA  1 
ATOM   187 C C   . CYS A 1 25 ? -0.048  -1.586  -5.751  1.00 17.06 ? 25  CYS A C   1 
ATOM   188 O O   . CYS A 1 25 ? 0.822   -0.733  -5.551  1.00 17.33 ? 25  CYS A O   1 
ATOM   189 C CB  . CYS A 1 25 ? -2.236  -0.655  -6.353  1.00 17.88 ? 25  CYS A CB  1 
ATOM   190 S SG  . CYS A 1 25 ? -3.476  -0.050  -7.441  1.00 18.27 ? 25  CYS A SG  1 
ATOM   191 N N   . ALA A 1 26 ? -0.245  -2.661  -5.028  1.00 16.46 ? 26  ALA A N   1 
ATOM   192 C CA  . ALA A 1 26 ? 0.643   -2.962  -3.895  1.00 16.06 ? 26  ALA A CA  1 
ATOM   193 C C   . ALA A 1 26 ? 2.085   -3.025  -4.395  1.00 16.15 ? 26  ALA A C   1 
ATOM   194 O O   . ALA A 1 26 ? 2.958   -2.367  -3.809  1.00 15.99 ? 26  ALA A O   1 
ATOM   195 C CB  . ALA A 1 26 ? 0.207   -4.220  -3.201  1.00 15.47 ? 26  ALA A CB  1 
ATOM   196 N N   . GLY A 1 27 ? 2.312   -3.786  -5.448  1.00 16.47 ? 27  GLY A N   1 
ATOM   197 C CA  . GLY A 1 27 ? 3.568   -4.043  -6.108  1.00 16.26 ? 27  GLY A CA  1 
ATOM   198 C C   . GLY A 1 27 ? 4.215   -2.866  -6.799  1.00 16.82 ? 27  GLY A C   1 
ATOM   199 O O   . GLY A 1 27 ? 5.452   -2.667  -6.748  1.00 17.14 ? 27  GLY A O   1 
ATOM   200 N N   . VAL A 1 28 ? 3.398   -2.071  -7.449  1.00 17.18 ? 28  VAL A N   1 
ATOM   201 C CA  . VAL A 1 28 ? 3.747   -0.856  -8.172  1.00 17.31 ? 28  VAL A CA  1 
ATOM   202 C C   . VAL A 1 28 ? 4.132   0.329   -7.269  1.00 17.25 ? 28  VAL A C   1 
ATOM   203 O O   . VAL A 1 28 ? 5.048   1.082   -7.676  1.00 17.80 ? 28  VAL A O   1 
ATOM   204 C CB  . VAL A 1 28 ? 2.559   -0.399  -9.078  1.00 16.79 ? 28  VAL A CB  1 
ATOM   205 C CG1 . VAL A 1 28 ? 2.279   1.081   -8.905  1.00 15.90 ? 28  VAL A CG1 1 
ATOM   206 C CG2 . VAL A 1 28 ? 2.812   -0.807  -10.509 1.00 16.53 ? 28  VAL A CG2 1 
ATOM   207 N N   . CYS A 1 29 ? 3.452   0.497   -6.157  1.00 16.67 ? 29  CYS A N   1 
ATOM   208 C CA  . CYS A 1 29 ? 3.741   1.597   -5.237  1.00 17.02 ? 29  CYS A CA  1 
ATOM   209 C C   . CYS A 1 29 ? 4.691   1.207   -4.104  1.00 16.83 ? 29  CYS A C   1 
ATOM   210 O O   . CYS A 1 29 ? 5.134   2.085   -3.338  1.00 16.50 ? 29  CYS A O   1 
ATOM   211 C CB  . CYS A 1 29 ? 2.487   2.270   -4.694  1.00 17.12 ? 29  CYS A CB  1 
ATOM   212 S SG  . CYS A 1 29 ? 1.359   2.949   -5.912  1.00 17.11 ? 29  CYS A SG  1 
ATOM   213 N N   . ARG A 1 30 ? 4.974   -0.063  -3.993  1.00 17.21 ? 30  ARG A N   1 
ATOM   214 C CA  . ARG A 1 30 ? 5.888   -0.593  -2.967  1.00 17.41 ? 30  ARG A CA  1 
ATOM   215 C C   . ARG A 1 30 ? 5.236   -0.559  -1.603  1.00 16.87 ? 30  ARG A C   1 
ATOM   216 O O   . ARG A 1 30 ? 5.722   -0.106  -0.568  1.00 16.64 ? 30  ARG A O   1 
ATOM   217 C CB  . ARG A 1 30 ? 7.250   0.091   -3.052  1.00 18.58 ? 30  ARG A CB  1 
ATOM   218 C CG  . ARG A 1 30 ? 7.947   0.079   -4.395  1.00 19.92 ? 30  ARG A CG  1 
ATOM   219 C CD  . ARG A 1 30 ? 9.087   1.045   -4.520  1.00 20.97 ? 30  ARG A CD  1 
ATOM   220 N NE  . ARG A 1 30 ? 9.377   1.313   -5.922  1.00 22.15 ? 30  ARG A NE  1 
ATOM   221 C CZ  . ARG A 1 30 ? 10.399  1.912   -6.503  1.00 22.39 ? 30  ARG A CZ  1 
ATOM   222 N NH1 . ARG A 1 30 ? 11.435  2.427   -5.843  1.00 23.07 ? 30  ARG A NH1 1 
ATOM   223 N NH2 . ARG A 1 30 ? 10.418  2.028   -7.846  1.00 22.63 ? 30  ARG A NH2 1 
ATOM   224 N N   . CYS A 1 31 ? 4.037   -1.111  -1.586  1.00 16.65 ? 31  CYS A N   1 
ATOM   225 C CA  . CYS A 1 31 ? 3.153   -1.278  -0.438  1.00 16.23 ? 31  CYS A CA  1 
ATOM   226 C C   . CYS A 1 31 ? 2.893   -2.793  -0.280  1.00 16.07 ? 31  CYS A C   1 
ATOM   227 O O   . CYS A 1 31 ? 2.999   -3.548  -1.243  1.00 15.74 ? 31  CYS A O   1 
ATOM   228 C CB  . CYS A 1 31 ? 1.815   -0.550  -0.578  1.00 16.07 ? 31  CYS A CB  1 
ATOM   229 S SG  . CYS A 1 31 ? 1.876   1.226   -0.761  1.00 15.59 ? 31  CYS A SG  1 
ATOM   230 N N   . LYS A 1 32 ? 2.530   -3.162  0.905   1.00 16.33 ? 32  LYS A N   1 
ATOM   231 C CA  . LYS A 1 32 ? 2.217   -4.503  1.355   1.00 16.68 ? 32  LYS A CA  1 
ATOM   232 C C   . LYS A 1 32 ? 0.780   -4.570  1.893   1.00 16.79 ? 32  LYS A C   1 
ATOM   233 O O   . LYS A 1 32 ? 0.213   -3.604  2.415   1.00 15.87 ? 32  LYS A O   1 
ATOM   234 C CB  . LYS A 1 32 ? 3.164   -4.922  2.469   1.00 17.34 ? 32  LYS A CB  1 
ATOM   235 C CG  . LYS A 1 32 ? 3.644   -6.360  2.502   1.00 18.20 ? 32  LYS A CG  1 
ATOM   236 C CD  . LYS A 1 32 ? 3.852   -6.838  3.946   1.00 18.35 ? 32  LYS A CD  1 
ATOM   237 C CE  . LYS A 1 32 ? 4.775   -8.039  4.000   1.00 18.67 ? 32  LYS A CE  1 
ATOM   238 N NZ  . LYS A 1 32 ? 6.192   -7.584  4.112   1.00 19.23 ? 32  LYS A NZ  1 
ATOM   239 N N   . ILE A 1 33 ? 0.242   -5.774  1.741   1.00 17.05 ? 33  ILE A N   1 
ATOM   240 C CA  . ILE A 1 33 ? -1.139  -6.059  2.202   1.00 17.75 ? 33  ILE A CA  1 
ATOM   241 C C   . ILE A 1 33 ? -1.088  -7.134  3.274   1.00 18.02 ? 33  ILE A C   1 
ATOM   242 O O   . ILE A 1 33 ? -0.810  -8.306  2.981   1.00 18.02 ? 33  ILE A O   1 
ATOM   243 C CB  . ILE A 1 33 ? -1.993  -6.369  0.934   1.00 17.52 ? 33  ILE A CB  1 
ATOM   244 C CG1 . ILE A 1 33 ? -2.280  -5.030  0.203   1.00 17.01 ? 33  ILE A CG1 1 
ATOM   245 C CG2 . ILE A 1 33 ? -3.274  -7.179  1.253   1.00 17.68 ? 33  ILE A CG2 1 
ATOM   246 C CD1 . ILE A 1 33 ? -2.376  -5.205  -1.332  1.00 16.83 ? 33  ILE A CD1 1 
ATOM   247 N N   . SER A 1 34 ? -1.334  -6.723  4.506   1.00 18.87 ? 34  SER A N   1 
ATOM   248 C CA  . SER A 1 34 ? -1.267  -7.674  5.637   1.00 20.13 ? 34  SER A CA  1 
ATOM   249 C C   . SER A 1 34 ? -2.606  -8.299  5.963   1.00 20.22 ? 34  SER A C   1 
ATOM   250 O O   . SER A 1 34 ? -3.665  -7.869  5.476   1.00 20.23 ? 34  SER A O   1 
ATOM   251 C CB  . SER A 1 34 ? -0.546  -7.072  6.824   1.00 20.24 ? 34  SER A CB  1 
ATOM   252 O OG  . SER A 1 34 ? -0.980  -5.805  7.236   1.00 21.54 ? 34  SER A OG  1 
ATOM   253 N N   . SER A 1 35 ? -2.515  -9.336  6.799   1.00 20.50 ? 35  SER A N   1 
ATOM   254 C CA  . SER A 1 35 ? -3.658  -10.119 7.271   1.00 20.80 ? 35  SER A CA  1 
ATOM   255 C C   . SER A 1 35 ? -4.245  -9.505  8.553   1.00 20.98 ? 35  SER A C   1 
ATOM   256 O O   . SER A 1 35 ? -5.483  -9.432  8.681   1.00 21.15 ? 35  SER A O   1 
ATOM   257 C CB  . SER A 1 35 ? -3.292  -11.571 7.534   1.00 20.94 ? 35  SER A CB  1 
ATOM   258 O OG  . SER A 1 35 ? -2.705  -12.214 6.428   1.00 21.79 ? 35  SER A OG  1 
ATOM   259 N N   . GLY A 1 36 ? -3.330  -9.125  9.438   1.00 20.58 ? 36  GLY A N   1 
ATOM   260 C CA  . GLY A 1 36 ? -3.680  -8.515  10.720  1.00 20.33 ? 36  GLY A CA  1 
ATOM   261 C C   . GLY A 1 36 ? -4.454  -7.223  10.457  1.00 20.67 ? 36  GLY A C   1 
ATOM   262 O O   . GLY A 1 36 ? -4.898  -6.952  9.325   1.00 21.00 ? 36  GLY A O   1 
ATOM   263 N N   . LEU A 1 37 ? -4.624  -6.448  11.502  1.00 20.70 ? 37  LEU A N   1 
ATOM   264 C CA  . LEU A 1 37 ? -5.328  -5.163  11.481  1.00 20.44 ? 37  LEU A CA  1 
ATOM   265 C C   . LEU A 1 37 ? -4.328  -4.005  11.636  1.00 20.61 ? 37  LEU A C   1 
ATOM   266 O O   . LEU A 1 37 ? -4.663  -2.848  11.347  1.00 20.18 ? 37  LEU A O   1 
ATOM   267 C CB  . LEU A 1 37 ? -6.408  -5.172  12.544  1.00 20.54 ? 37  LEU A CB  1 
ATOM   268 C CG  . LEU A 1 37 ? -7.378  -6.305  12.730  1.00 20.80 ? 37  LEU A CG  1 
ATOM   269 C CD1 . LEU A 1 37 ? -7.976  -6.301  14.159  1.00 20.53 ? 37  LEU A CD1 1 
ATOM   270 C CD2 . LEU A 1 37 ? -8.521  -6.142  11.726  1.00 20.66 ? 37  LEU A CD2 1 
ATOM   271 N N   . SER A 1 38 ? -3.145  -4.308  12.105  1.00 20.82 ? 38  SER A N   1 
ATOM   272 C CA  . SER A 1 38 ? -2.013  -3.430  12.330  1.00 21.02 ? 38  SER A CA  1 
ATOM   273 C C   . SER A 1 38 ? -0.999  -3.568  11.185  1.00 20.75 ? 38  SER A C   1 
ATOM   274 O O   . SER A 1 38 ? -0.739  -4.643  10.643  1.00 21.10 ? 38  SER A O   1 
ATOM   275 C CB  . SER A 1 38 ? -1.341  -3.723  13.661  1.00 21.54 ? 38  SER A CB  1 
ATOM   276 O OG  . SER A 1 38 ? 0.053   -3.437  13.680  1.00 21.97 ? 38  SER A OG  1 
ATOM   277 N N   . CYS A 1 39 ? -0.422  -2.454  10.842  1.00 20.54 ? 39  CYS A N   1 
ATOM   278 C CA  . CYS A 1 39 ? 0.578   -2.269  9.800   1.00 20.34 ? 39  CYS A CA  1 
ATOM   279 C C   . CYS A 1 39 ? 1.986   -2.364  10.384  1.00 21.10 ? 39  CYS A C   1 
ATOM   280 O O   . CYS A 1 39 ? 2.291   -1.673  11.374  1.00 20.96 ? 39  CYS A O   1 
ATOM   281 C CB  . CYS A 1 39 ? 0.361   -0.878  9.167   1.00 19.73 ? 39  CYS A CB  1 
ATOM   282 S SG  . CYS A 1 39 ? -0.743  -0.902  7.732   1.00 18.13 ? 39  CYS A SG  1 
ATOM   283 N N   . PRO A 1 40 ? 2.812   -3.182  9.750   1.00 21.90 ? 40  PRO A N   1 
ATOM   284 C CA  . PRO A 1 40 ? 4.211   -3.384  10.156  1.00 22.58 ? 40  PRO A CA  1 
ATOM   285 C C   . PRO A 1 40 ? 4.930   -2.073  10.410  1.00 23.58 ? 40  PRO A C   1 
ATOM   286 O O   . PRO A 1 40 ? 4.452   -0.991  10.001  1.00 24.15 ? 40  PRO A O   1 
ATOM   287 C CB  . PRO A 1 40 ? 4.807   -4.156  8.986   1.00 22.77 ? 40  PRO A CB  1 
ATOM   288 C CG  . PRO A 1 40 ? 3.618   -4.992  8.511   1.00 22.81 ? 40  PRO A CG  1 
ATOM   289 C CD  . PRO A 1 40 ? 2.458   -3.993  8.564   1.00 22.09 ? 40  PRO A CD  1 
ATOM   290 N N   . LYS A 1 41 ? 6.056   -2.147  11.093  1.00 24.30 ? 41  LYS A N   1 
ATOM   291 C CA  . LYS A 1 41 ? 6.889   -0.980  11.446  1.00 24.92 ? 41  LYS A CA  1 
ATOM   292 C C   . LYS A 1 41 ? 7.609   -0.410  10.229  1.00 25.16 ? 41  LYS A C   1 
ATOM   293 O O   . LYS A 1 41 ? 7.925   0.795   10.141  1.00 25.10 ? 41  LYS A O   1 
ATOM   294 C CB  . LYS A 1 41 ? 7.886   -1.349  12.528  1.00 25.25 ? 41  LYS A CB  1 
ATOM   295 C CG  . LYS A 1 41 ? 9.005   -0.364  12.838  1.00 25.57 ? 41  LYS A CG  1 
ATOM   296 C CD  . LYS A 1 41 ? 10.136  -1.041  13.626  1.00 26.08 ? 41  LYS A CD  1 
ATOM   297 C CE  . LYS A 1 41 ? 11.100  -0.052  14.270  1.00 26.17 ? 41  LYS A CE  1 
ATOM   298 N NZ  . LYS A 1 41 ? 11.960  -0.718  15.287  1.00 25.94 ? 41  LYS A NZ  1 
ATOM   299 N N   . GLY A 1 42 ? 7.862   -1.296  9.267   1.00 25.23 ? 42  GLY A N   1 
ATOM   300 C CA  . GLY A 1 42 ? 8.538   -0.984  8.016   1.00 24.05 ? 42  GLY A CA  1 
ATOM   301 C C   . GLY A 1 42 ? 7.617   -0.435  6.944   1.00 23.27 ? 42  GLY A C   1 
ATOM   302 O O   . GLY A 1 42 ? 8.124   0.072   5.938   1.00 23.83 ? 42  GLY A O   1 
ATOM   303 N N   . PHE A 1 43 ? 6.340   -0.540  7.136   1.00 22.92 ? 43  PHE A N   1 
ATOM   304 C CA  . PHE A 1 43 ? 5.255   -0.079  6.243   1.00 22.32 ? 43  PHE A CA  1 
ATOM   305 C C   . PHE A 1 43 ? 4.151   0.564   7.115   1.00 21.64 ? 43  PHE A C   1 
ATOM   306 O O   . PHE A 1 43 ? 3.016   0.090   7.308   1.00 20.91 ? 43  PHE A O   1 
ATOM   307 C CB  . PHE A 1 43 ? 4.754   -1.247  5.404   1.00 22.49 ? 43  PHE A CB  1 
ATOM   308 C CG  . PHE A 1 43 ? 5.597   -1.977  4.439   1.00 22.49 ? 43  PHE A CG  1 
ATOM   309 C CD1 . PHE A 1 43 ? 6.807   -2.566  4.792   1.00 23.31 ? 43  PHE A CD1 1 
ATOM   310 C CD2 . PHE A 1 43 ? 5.164   -2.122  3.120   1.00 22.82 ? 43  PHE A CD2 1 
ATOM   311 C CE1 . PHE A 1 43 ? 7.591   -3.261  3.877   1.00 23.44 ? 43  PHE A CE1 1 
ATOM   312 C CE2 . PHE A 1 43 ? 5.908   -2.816  2.166   1.00 23.00 ? 43  PHE A CE2 1 
ATOM   313 C CZ  . PHE A 1 43 ? 7.128   -3.387  2.554   1.00 23.52 ? 43  PHE A CZ  1 
ATOM   314 N N   . PRO A 1 44 ? 4.503   1.718   7.675   1.00 21.00 ? 44  PRO A N   1 
ATOM   315 C CA  . PRO A 1 44 ? 3.587   2.451   8.556   1.00 20.73 ? 44  PRO A CA  1 
ATOM   316 C C   . PRO A 1 44 ? 2.523   3.239   7.826   1.00 20.61 ? 44  PRO A C   1 
ATOM   317 O O   . PRO A 1 44 ? 1.321   3.296   8.173   1.00 20.17 ? 44  PRO A O   1 
ATOM   318 C CB  . PRO A 1 44 ? 4.568   3.256   9.406   1.00 20.63 ? 44  PRO A CB  1 
ATOM   319 C CG  . PRO A 1 44 ? 5.664   3.615   8.441   1.00 20.65 ? 44  PRO A CG  1 
ATOM   320 C CD  . PRO A 1 44 ? 5.805   2.402   7.535   1.00 20.85 ? 44  PRO A CD  1 
ATOM   321 N N   . LYS A 1 45 ? 2.959   3.873   6.751   1.00 20.18 ? 45  LYS A N   1 
ATOM   322 C CA  . LYS A 1 45 ? 2.116   4.723   5.898   1.00 19.28 ? 45  LYS A CA  1 
ATOM   323 C C   . LYS A 1 45 ? 1.164   4.008   5.000   1.00 19.16 ? 45  LYS A C   1 
ATOM   324 O O   . LYS A 1 45 ? 1.009   2.769   5.143   1.00 18.97 ? 45  LYS A O   1 
ATOM   325 C CB  . LYS A 1 45 ? 3.040   5.750   5.231   1.00 18.73 ? 45  LYS A CB  1 
ATOM   326 C CG  . LYS A 1 45 ? 3.438   6.781   6.298   1.00 18.40 ? 45  LYS A CG  1 
ATOM   327 C CD  . LYS A 1 45 ? 4.779   7.424   6.122   1.00 18.56 ? 45  LYS A CD  1 
ATOM   328 C CE  . LYS A 1 45 ? 5.251   8.067   7.412   1.00 19.21 ? 45  LYS A CE  1 
ATOM   329 N NZ  . LYS A 1 45 ? 4.395   9.247   7.748   1.00 19.89 ? 45  LYS A NZ  1 
ATOM   330 O OXT . LYS A 1 45 ? 0.497   4.669   4.175   1.00 19.54 ? 45  LYS A OXT 1 
HETATM 331 C C   . ACT B 2 .  ? 10.572  -2.007  -6.555  0.50 62.39 ? 85  ACT A C   1 
HETATM 332 O O   . ACT B 2 .  ? 10.772  -3.208  -6.127  0.50 62.36 ? 85  ACT A O   1 
HETATM 333 O OXT . ACT B 2 .  ? 11.113  -0.988  -5.978  0.50 62.35 ? 85  ACT A OXT 1 
HETATM 334 C CH3 . ACT B 2 .  ? 9.640   -1.782  -7.816  0.50 62.22 ? 85  ACT A CH3 1 
HETATM 335 C C   . ACT C 2 .  ? 0.629   -10.585 7.542   1.00 30.51 ? 88  ACT A C   1 
HETATM 336 O O   . ACT C 2 .  ? 1.385   -10.298 6.524   1.00 30.53 ? 88  ACT A O   1 
HETATM 337 O OXT . ACT C 2 .  ? -0.020  -9.632  8.151   1.00 30.54 ? 88  ACT A OXT 1 
HETATM 338 C CH3 . ACT C 2 .  ? 0.494   -12.037 8.027   1.00 30.14 ? 88  ACT A CH3 1 
HETATM 339 P P   . PO4 D 3 .  ? -2.696  4.413   8.215   0.50 48.93 ? 116 PO4 A P   1 
HETATM 340 O O1  . PO4 D 3 .  ? -3.607  4.508   9.538   0.50 48.92 ? 116 PO4 A O1  1 
HETATM 341 O O2  . PO4 D 3 .  ? -1.620  5.635   8.197   0.50 48.90 ? 116 PO4 A O2  1 
HETATM 342 O O3  . PO4 D 3 .  ? -1.910  3.002   8.174   0.50 48.92 ? 116 PO4 A O3  1 
HETATM 343 O O4  . PO4 D 3 .  ? -3.626  4.537   6.884   0.50 48.85 ? 116 PO4 A O4  1 
HETATM 344 C C   . ACT E 2 .  ? -1.579  12.938  -5.195  0.25 7.97  ? 123 ACT A C   1 
HETATM 345 O O   . ACT E 2 .  ? -0.968  12.405  -4.197  0.25 8.19  ? 123 ACT A O   1 
HETATM 346 O OXT . ACT E 2 .  ? -1.040  13.902  -5.857  0.25 8.19  ? 123 ACT A OXT 1 
HETATM 347 C CH3 . ACT E 2 .  ? -3.012  12.404  -5.616  0.25 7.91  ? 123 ACT A CH3 1 
HETATM 348 C C1  . SBT F 4 .  ? 3.004   14.941  -1.915  1.00 29.43 ? 86  SBT A C1  1 
HETATM 349 C C2  . SBT F 4 .  ? 3.960   14.547  -0.769  1.00 28.76 ? 86  SBT A C2  1 
HETATM 350 C C3  . SBT F 4 .  ? 4.214   13.033  -0.801  1.00 28.68 ? 86  SBT A C3  1 
HETATM 351 C C4  . SBT F 4 .  ? 3.032   12.288  -1.430  1.00 28.42 ? 86  SBT A C4  1 
HETATM 352 O OH  . SBT F 4 .  ? 5.214   15.207  -0.963  1.00 29.06 ? 86  SBT A OH  1 
HETATM 353 C C1  . SBT G 4 .  ? 7.792   4.702   -2.885  1.00 37.25 ? 179 SBT A C1  1 
HETATM 354 C C2  . SBT G 4 .  ? 7.726   5.031   -4.385  1.00 37.59 ? 179 SBT A C2  1 
HETATM 355 C C3  . SBT G 4 .  ? 9.112   5.290   -5.012  1.00 37.55 ? 179 SBT A C3  1 
HETATM 356 C C4  . SBT G 4 .  ? 10.219  5.505   -3.979  1.00 37.47 ? 179 SBT A C4  1 
HETATM 357 O OH  . SBT G 4 .  ? 7.158   3.914   -5.085  1.00 37.64 ? 179 SBT A OH  1 
HETATM 358 C C1  . GOL H 5 .  ? -6.665  -0.253  2.862   1.00 39.36 ? 180 GOL A C1  1 
HETATM 359 O O1  . GOL H 5 .  ? -6.879  -1.085  4.003   1.00 38.39 ? 180 GOL A O1  1 
HETATM 360 C C2  . GOL H 5 .  ? -7.055  -1.022  1.561   1.00 39.93 ? 180 GOL A C2  1 
HETATM 361 O O2  . GOL H 5 .  ? -7.893  -2.150  1.918   1.00 40.58 ? 180 GOL A O2  1 
HETATM 362 C C3  . GOL H 5 .  ? -7.849  -0.132  0.559   1.00 39.63 ? 180 GOL A C3  1 
HETATM 363 O O3  . GOL H 5 .  ? -7.581  -0.517  -0.788  1.00 39.11 ? 180 GOL A O3  1 
HETATM 364 C C1  . GOL I 5 .  ? -8.046  -5.009  3.639   1.00 42.65 ? 181 GOL A C1  1 
HETATM 365 O O1  . GOL I 5 .  ? -7.314  -5.896  2.790   1.00 41.85 ? 181 GOL A O1  1 
HETATM 366 C C2  . GOL I 5 .  ? -8.500  -5.684  4.951   1.00 43.22 ? 181 GOL A C2  1 
HETATM 367 O O2  . GOL I 5 .  ? -8.380  -7.110  4.908   1.00 43.43 ? 181 GOL A O2  1 
HETATM 368 C C3  . GOL I 5 .  ? -7.769  -5.207  6.234   1.00 43.36 ? 181 GOL A C3  1 
HETATM 369 O O3  . GOL I 5 .  ? -8.644  -5.239  7.368   1.00 43.13 ? 181 GOL A O3  1 
HETATM 370 O O   . HOH J 6 .  ? 12.752  6.407   -0.259  1.00 28.21 ? 46  HOH A O   1 
HETATM 371 O O   . HOH J 6 .  ? -5.638  -9.128  -4.269  1.00 69.30 ? 47  HOH A O   1 
HETATM 372 O O   . HOH J 6 .  ? -9.119  -5.169  -5.836  1.00 28.77 ? 48  HOH A O   1 
HETATM 373 O O   . HOH J 6 .  ? 8.555   -5.099  8.955   1.00 7.27  ? 51  HOH A O   1 
HETATM 374 O O   . HOH J 6 .  ? -10.524 -1.148  -1.273  1.00 47.20 ? 52  HOH A O   1 
HETATM 375 O O   . HOH J 6 .  ? 9.214   5.127   6.064   1.00 71.50 ? 53  HOH A O   1 
HETATM 376 O O   . HOH J 6 .  ? -6.258  -7.769  6.826   1.00 15.75 ? 54  HOH A O   1 
HETATM 377 O O   . HOH J 6 .  ? -6.457  -3.955  0.769   1.00 27.97 ? 55  HOH A O   1 
HETATM 378 O O   . HOH J 6 .  ? -11.516 0.388   3.416   1.00 24.82 ? 56  HOH A O   1 
HETATM 379 O O   . HOH J 6 .  ? 2.128   -10.282 2.273   1.00 6.12  ? 57  HOH A O   1 
HETATM 380 O O   . HOH J 6 .  ? -9.497  -11.934 4.921   1.00 11.81 ? 58  HOH A O   1 
HETATM 381 O O   . HOH J 6 .  ? -16.426 -10.286 1.771   0.25 51.45 ? 59  HOH A O   1 
HETATM 382 O O   . HOH J 6 .  ? -6.871  3.004   0.497   1.00 52.42 ? 60  HOH A O   1 
HETATM 383 O O   . HOH J 6 .  ? 11.197  2.025   -2.162  1.00 18.00 ? 61  HOH A O   1 
HETATM 384 O O   . HOH J 6 .  ? 8.726   10.322  7.878   1.00 24.34 ? 62  HOH A O   1 
HETATM 385 O O   . HOH J 6 .  ? -11.274 -8.569  3.011   1.00 20.11 ? 63  HOH A O   1 
HETATM 386 O O   . HOH J 6 .  ? 13.370  3.692   -7.144  1.00 40.60 ? 64  HOH A O   1 
HETATM 387 O O   . HOH J 6 .  ? -3.106  -4.803  9.511   1.00 30.62 ? 65  HOH A O   1 
HETATM 388 O O   . HOH J 6 .  ? 7.053   8.084   -6.087  1.00 45.28 ? 66  HOH A O   1 
HETATM 389 O O   . HOH J 6 .  ? 8.305   2.405   -10.328 1.00 32.92 ? 70  HOH A O   1 
HETATM 390 O O   . HOH J 6 .  ? 13.646  9.683   9.198   1.00 34.51 ? 71  HOH A O   1 
HETATM 391 O O   . HOH J 6 .  ? -10.066 -6.150  -2.204  1.00 53.85 ? 72  HOH A O   1 
HETATM 392 O O   . HOH J 6 .  ? -11.473 -3.115  1.178   1.00 67.94 ? 73  HOH A O   1 
HETATM 393 O O   . HOH J 6 .  ? 12.853  -3.524  2.364   1.00 67.96 ? 74  HOH A O   1 
HETATM 394 O O   . HOH J 6 .  ? -12.952 0.289   0.720   1.00 51.97 ? 75  HOH A O   1 
HETATM 395 O O   . HOH J 6 .  ? 11.363  5.152   1.783   1.00 15.98 ? 76  HOH A O   1 
HETATM 396 O O   . HOH J 6 .  ? 12.754  -0.980  -1.935  1.00 13.44 ? 77  HOH A O   1 
HETATM 397 O O   . HOH J 6 .  ? 8.383   -9.370  3.755   0.50 38.04 ? 78  HOH A O   1 
HETATM 398 O O   . HOH J 6 .  ? 14.101  0.320   4.440   1.00 43.12 ? 79  HOH A O   1 
HETATM 399 O O   . HOH J 6 .  ? 12.268  4.448   -1.931  1.00 35.56 ? 80  HOH A O   1 
HETATM 400 O O   . HOH J 6 .  ? -7.184  -12.282 2.821   1.00 33.19 ? 81  HOH A O   1 
HETATM 401 O O   . HOH J 6 .  ? 8.609   -7.941  -1.590  1.00 63.94 ? 82  HOH A O   1 
HETATM 402 O O   . HOH J 6 .  ? 13.332  1.876   1.941   1.00 61.23 ? 83  HOH A O   1 
HETATM 403 O O   . HOH J 6 .  ? -5.706  -2.449  13.765  1.00 26.77 ? 84  HOH A O   1 
HETATM 404 O O   . HOH J 6 .  ? 2.488   6.763   11.993  1.00 24.35 ? 89  HOH A O   1 
HETATM 405 O O   . HOH J 6 .  ? -8.490  0.830   -15.914 1.00 28.74 ? 91  HOH A O   1 
HETATM 406 O O   . HOH J 6 .  ? 3.185   14.051  6.029   1.00 39.34 ? 92  HOH A O   1 
HETATM 407 O O   . HOH J 6 .  ? 0.677   -6.990  9.744   1.00 2.49  ? 93  HOH A O   1 
HETATM 408 O O   . HOH J 6 .  ? 7.769   9.641   4.876   1.00 26.46 ? 95  HOH A O   1 
HETATM 409 O O   . HOH J 6 .  ? 2.878   -0.948  15.067  1.00 9.01  ? 98  HOH A O   1 
HETATM 410 O O   . HOH J 6 .  ? 12.410  2.155   9.999   1.00 36.61 ? 99  HOH A O   1 
HETATM 411 O O   . HOH J 6 .  ? 10.792  -5.353  3.034   1.00 24.92 ? 100 HOH A O   1 
HETATM 412 O O   . HOH J 6 .  ? 14.621  -1.408  11.201  1.00 18.80 ? 101 HOH A O   1 
HETATM 413 O O   . HOH J 6 .  ? -1.660  0.474   10.876  1.00 19.52 ? 102 HOH A O   1 
HETATM 414 O O   . HOH J 6 .  ? 15.177  -3.112  -0.731  0.50 65.60 ? 105 HOH A O   1 
HETATM 415 O O   . HOH J 6 .  ? 4.095   -6.561  -2.799  1.00 9.94  ? 106 HOH A O   1 
HETATM 416 O O   . HOH J 6 .  ? 1.468   -7.419  -5.281  1.00 33.21 ? 107 HOH A O   1 
HETATM 417 O O   . HOH J 6 .  ? -6.745  -11.664 -5.893  0.50 56.26 ? 108 HOH A O   1 
HETATM 418 O O   . HOH J 6 .  ? 0.492   -8.329  -0.745  1.00 25.42 ? 109 HOH A O   1 
HETATM 419 O O   . HOH J 6 .  ? 3.559   6.985   -8.595  1.00 21.94 ? 112 HOH A O   1 
HETATM 420 O O   . HOH J 6 .  ? 7.893   10.349  1.260   1.00 16.80 ? 113 HOH A O   1 
HETATM 421 O O   . HOH J 6 .  ? 11.560  10.805  8.141   1.00 31.75 ? 114 HOH A O   1 
HETATM 422 O O   . HOH J 6 .  ? 8.023   -4.503  -5.540  1.00 20.86 ? 115 HOH A O   1 
HETATM 423 O O   . HOH J 6 .  ? 2.387   4.913   -9.888  0.50 22.84 ? 117 HOH A O   1 
HETATM 424 O O   . HOH J 6 .  ? 6.445   5.456   -7.925  1.00 59.82 ? 118 HOH A O   1 
HETATM 425 O O   . HOH J 6 .  ? 5.377   -0.767  -13.345 0.25 52.57 ? 119 HOH A O   1 
HETATM 426 O O   . HOH J 6 .  ? 11.819  -3.117  10.219  1.00 31.12 ? 121 HOH A O   1 
HETATM 427 O O   . HOH J 6 .  ? -2.253  -12.073 2.008   1.00 39.44 ? 124 HOH A O   1 
HETATM 428 O O   . HOH J 6 .  ? 2.543   3.499   13.256  1.00 40.40 ? 125 HOH A O   1 
HETATM 429 O O   . HOH J 6 .  ? 6.306   3.324   -0.740  1.00 27.00 ? 126 HOH A O   1 
HETATM 430 O O   . HOH J 6 .  ? 0.478   7.323   4.857   1.00 37.98 ? 127 HOH A O   1 
HETATM 431 O O   . HOH J 6 .  ? 9.427   -5.681  6.574   1.00 60.61 ? 129 HOH A O   1 
HETATM 432 O O   . HOH J 6 .  ? -7.058  -0.636  15.075  1.00 47.90 ? 130 HOH A O   1 
HETATM 433 O O   . HOH J 6 .  ? -13.842 -4.509  2.835   1.00 18.01 ? 131 HOH A O   1 
HETATM 434 O O   . HOH J 6 .  ? -16.512 -1.421  1.378   1.00 45.68 ? 132 HOH A O   1 
HETATM 435 O O   . HOH J 6 .  ? 9.601   5.334   9.264   0.50 38.45 ? 133 HOH A O   1 
HETATM 436 O O   . HOH J 6 .  ? 5.130   -7.789  6.972   1.00 40.26 ? 136 HOH A O   1 
HETATM 437 O O   . HOH J 6 .  ? -3.066  -0.088  15.528  0.50 57.82 ? 138 HOH A O   1 
HETATM 438 O O   . HOH J 6 .  ? -9.743  -1.963  11.982  1.00 40.74 ? 139 HOH A O   1 
HETATM 439 O O   . HOH J 6 .  ? 1.056   2.345   10.948  1.00 36.95 ? 140 HOH A O   1 
HETATM 440 O O   . HOH J 6 .  ? -4.858  -1.202  16.311  1.00 33.29 ? 141 HOH A O   1 
HETATM 441 O O   . HOH J 6 .  ? 0.838   7.698   -8.302  0.50 38.91 ? 142 HOH A O   1 
HETATM 442 O O   . HOH J 6 .  ? 5.878   -1.584  17.060  1.00 17.45 ? 143 HOH A O   1 
HETATM 443 O O   . HOH J 6 .  ? 10.771  0.736   17.325  1.00 22.25 ? 144 HOH A O   1 
HETATM 444 O O   . HOH J 6 .  ? 9.511   -6.321  12.250  1.00 2.87  ? 145 HOH A O   1 
HETATM 445 O O   . HOH J 6 .  ? 8.183   2.401   12.161  1.00 31.63 ? 146 HOH A O   1 
HETATM 446 O O   . HOH J 6 .  ? 11.988  -6.266  10.366  1.00 55.97 ? 147 HOH A O   1 
HETATM 447 O O   . HOH J 6 .  ? 12.821  -5.021  5.397   1.00 46.14 ? 148 HOH A O   1 
HETATM 448 O O   . HOH J 6 .  ? 15.146  -3.090  7.943   1.00 58.88 ? 149 HOH A O   1 
HETATM 449 O O   . HOH J 6 .  ? 8.540   -8.713  7.569   1.00 50.99 ? 150 HOH A O   1 
HETATM 450 O O   . HOH J 6 .  ? 8.220   -9.155  10.842  1.00 47.45 ? 151 HOH A O   1 
HETATM 451 O O   . HOH J 6 .  ? 12.665  -5.545  7.906   1.00 20.40 ? 152 HOH A O   1 
HETATM 452 O O   . HOH J 6 .  ? 13.278  -8.847  10.360  1.00 22.73 ? 153 HOH A O   1 
HETATM 453 O O   . HOH J 6 .  ? 8.074   7.424   6.742   1.00 21.56 ? 154 HOH A O   1 
HETATM 454 O O   . HOH J 6 .  ? 17.149  0.035   8.845   1.00 64.17 ? 155 HOH A O   1 
HETATM 455 O O   . HOH J 6 .  ? 3.107   -8.434  -0.586  1.00 30.41 ? 156 HOH A O   1 
HETATM 456 O O   . HOH J 6 .  ? 0.825   -11.537 4.148   1.00 62.36 ? 158 HOH A O   1 
HETATM 457 O O   . HOH J 6 .  ? 4.568   -9.656  1.143   1.00 37.86 ? 159 HOH A O   1 
HETATM 458 O O   . HOH J 6 .  ? -8.380  -9.101  -2.037  1.00 43.12 ? 160 HOH A O   1 
HETATM 459 O O   . HOH J 6 .  ? -4.310  -14.817 -6.021  1.00 50.37 ? 161 HOH A O   1 
HETATM 460 O O   . HOH J 6 .  ? -11.025 -8.527  0.417   1.00 11.20 ? 162 HOH A O   1 
HETATM 461 O O   . HOH J 6 .  ? -6.669  -11.240 -0.072  1.00 34.83 ? 163 HOH A O   1 
HETATM 462 O O   . HOH J 6 .  ? -14.135 -5.673  -3.125  1.00 43.59 ? 164 HOH A O   1 
HETATM 463 O O   . HOH J 6 .  ? -4.922  -3.862  -12.789 1.00 27.56 ? 166 HOH A O   1 
HETATM 464 O O   . HOH J 6 .  ? 17.784  -0.235  -3.186  1.00 35.09 ? 167 HOH A O   1 
HETATM 465 O O   . HOH J 6 .  ? 12.037  -3.276  -2.946  1.00 66.85 ? 168 HOH A O   1 
HETATM 466 O O   . HOH J 6 .  ? -12.079 -5.417  4.661   1.00 44.97 ? 170 HOH A O   1 
HETATM 467 O O   . HOH J 6 .  ? 13.154  11.089  16.792  0.25 27.88 ? 171 HOH A O   1 
HETATM 468 O O   . HOH J 6 .  ? -14.335 -13.072 -3.356  1.00 41.40 ? 172 HOH A O   1 
HETATM 469 O O   . HOH J 6 .  ? -12.368 -14.988 -3.176  1.00 59.41 ? 173 HOH A O   1 
HETATM 470 O O   . HOH J 6 .  ? -6.406  -15.323 -1.737  1.00 34.31 ? 174 HOH A O   1 
HETATM 471 O O   . HOH J 6 .  ? -9.116  -13.288 -2.660  1.00 66.92 ? 175 HOH A O   1 
HETATM 472 O O   . HOH J 6 .  ? 17.878  -7.189  11.015  1.00 50.49 ? 177 HOH A O   1 
HETATM 473 O O   . HOH J 6 .  ? 11.316  -8.068  3.102   1.00 52.11 ? 178 HOH A O   1 
HETATM 474 O O   . HOH J 6 .  ? -6.070  -8.127  3.446   1.00 43.24 ? 182 HOH A O   1 
HETATM 475 O O   . HOH J 6 .  ? 1.920   8.163   9.710   1.00 66.71 ? 183 HOH A O   1 
HETATM 476 O O   . HOH J 6 .  ? -10.331 5.807   -6.159  1.00 45.72 ? 184 HOH A O   1 
HETATM 477 O O   . HOH J 6 .  ? -12.490 -2.433  4.838   1.00 63.27 ? 185 HOH A O   1 
# 
